data_6A0K
#
_entry.id   6A0K
#
_cell.length_a   48.293
_cell.length_b   180.225
_cell.length_c   62.926
_cell.angle_alpha   90.00
_cell.angle_beta   111.60
_cell.angle_gamma   90.00
#
_symmetry.space_group_name_H-M   'P 1 21 1'
#
loop_
_entity.id
_entity.type
_entity.pdbx_description
1 polymer 'Cyclic maltosyl-maltose hydrolase'
2 branched alpha-D-glucopyranose-(1-6)-alpha-D-glucopyranose-(1-4)-alpha-D-glucopyranose
3 branched alpha-D-glucopyranose-(1-6)-alpha-D-glucopyranose-(1-4)-beta-D-glucopyranose
4 non-polymer 'CALCIUM ION'
5 water water
#
_entity_poly.entity_id   1
_entity_poly.type   'polypeptide(L)'
_entity_poly.pdbx_seq_one_letter_code
;MGSSHHHHHHSSGLVPRGSHMVTAPDWLADAVFYQIFPERFANADPSLDPQNVVPWGSTPTPDNFFGGDLQGIIDHLDHI
VALGANALYLTPIFEADTNHRYDAKDYFSIDHRLGTLETFHALMAECRARGIRIVLDAVLNHCGDGHWAFADVVENEADS
AYVNWFSVEGFPVTAHPTPNYRTCSGCYYLPKWNAYNPEVRHHHLDVARYWIDQGIDGWRLDVPYFINHTFWREFRTAVK
GKSEDLYIVAEEWRSPVEWLQGDTADGTMNYTARDLILGFTADGGIDASALAAGLNALHAEIPAGFHRGMLNLLGSHDTE
RVLTRHAGDVEAALLSYALLFSLEGAPMVYYGDEVGLTGDNDPGCRGAMPWNEESWNTRLLDGIRTFAAFRAHQPAMRRG
RQTAVALDADTIAIVRSGGDERAAVIVHRGEGTTVDTASIPELAPLDADTVVLGPLGTASLATAASPGSSA
;
_entity_poly.pdbx_strand_id   B,A
#
# COMPACT_ATOMS: atom_id res chain seq x y z
N THR A 23 26.26 24.60 19.17
CA THR A 23 25.23 23.48 19.04
C THR A 23 24.02 23.99 18.33
N ALA A 24 23.36 23.09 17.60
CA ALA A 24 22.05 23.41 17.03
C ALA A 24 21.04 23.61 18.17
N PRO A 25 20.11 24.56 18.04
CA PRO A 25 19.09 24.70 19.08
C PRO A 25 18.30 23.40 19.31
N ASP A 26 17.94 23.13 20.57
CA ASP A 26 17.20 21.88 20.88
C ASP A 26 15.89 21.69 20.16
N TRP A 27 15.16 22.79 20.01
CA TRP A 27 13.84 22.71 19.37
C TRP A 27 13.86 22.09 17.98
N LEU A 28 15.02 22.06 17.30
CA LEU A 28 15.11 21.44 15.98
C LEU A 28 14.79 19.96 16.00
N ALA A 29 15.10 19.27 17.12
CA ALA A 29 14.71 17.88 17.27
C ALA A 29 13.19 17.57 17.08
N ASP A 30 12.28 18.46 17.52
CA ASP A 30 10.83 18.33 17.41
C ASP A 30 10.29 19.01 16.14
N ALA A 31 11.16 19.53 15.30
CA ALA A 31 10.64 20.29 14.13
C ALA A 31 10.37 19.45 12.92
N VAL A 32 9.47 19.99 12.11
CA VAL A 32 9.13 19.35 10.87
C VAL A 32 8.73 20.53 10.03
N PHE A 33 9.38 20.62 8.91
CA PHE A 33 9.36 21.83 8.16
C PHE A 33 8.47 21.59 6.95
N TYR A 34 7.93 22.69 6.51
CA TYR A 34 7.08 22.73 5.25
C TYR A 34 7.64 23.85 4.45
N GLN A 35 8.17 23.52 3.28
CA GLN A 35 8.75 24.56 2.42
C GLN A 35 7.72 25.18 1.44
N ILE A 36 7.60 26.51 1.49
CA ILE A 36 6.73 27.24 0.65
C ILE A 36 7.45 28.20 -0.29
N PHE A 37 7.02 28.16 -1.56
CA PHE A 37 7.50 29.06 -2.58
C PHE A 37 6.33 29.96 -2.74
N PRO A 38 6.37 31.15 -2.07
CA PRO A 38 5.16 31.90 -1.83
C PRO A 38 4.41 32.43 -3.08
N GLU A 39 5.05 32.58 -4.22
CA GLU A 39 4.30 32.99 -5.46
C GLU A 39 3.24 31.91 -5.82
N ARG A 40 3.37 30.70 -5.26
CA ARG A 40 2.62 29.55 -5.78
C ARG A 40 1.71 28.75 -4.81
N PHE A 41 1.57 29.24 -3.57
CA PHE A 41 0.99 28.44 -2.52
C PHE A 41 -0.50 28.70 -2.48
N ALA A 42 -0.89 29.96 -2.31
CA ALA A 42 -2.25 30.39 -2.30
C ALA A 42 -2.40 31.86 -2.60
N ASN A 43 -3.31 32.23 -3.49
CA ASN A 43 -3.59 33.57 -3.85
C ASN A 43 -4.87 33.96 -3.14
N ALA A 44 -4.76 34.55 -1.97
CA ALA A 44 -5.95 34.98 -1.23
C ALA A 44 -6.42 36.39 -1.55
N ASP A 45 -5.53 37.25 -2.04
CA ASP A 45 -5.86 38.66 -2.21
C ASP A 45 -5.66 39.07 -3.66
N PRO A 46 -6.70 39.00 -4.48
CA PRO A 46 -6.60 39.43 -5.90
C PRO A 46 -6.24 40.89 -6.12
N SER A 47 -6.50 41.76 -5.15
CA SER A 47 -6.10 43.18 -5.23
C SER A 47 -4.56 43.37 -5.28
N LEU A 48 -3.76 42.38 -4.81
CA LEU A 48 -2.32 42.38 -4.96
C LEU A 48 -1.80 41.76 -6.28
N ASP A 49 -2.64 41.06 -7.06
CA ASP A 49 -2.21 40.45 -8.35
C ASP A 49 -1.62 41.52 -9.29
N PRO A 50 -0.51 41.21 -9.98
CA PRO A 50 -0.05 42.05 -11.04
C PRO A 50 -1.04 42.01 -12.23
N GLN A 51 -0.87 42.96 -13.13
CA GLN A 51 -1.71 43.03 -14.32
C GLN A 51 -1.54 41.82 -15.24
N ASN A 52 -0.32 41.26 -15.30
CA ASN A 52 0.04 40.09 -16.17
C ASN A 52 -0.17 38.73 -15.47
N VAL A 53 -0.97 38.69 -14.39
CA VAL A 53 -1.22 37.48 -13.60
C VAL A 53 -1.86 36.41 -14.45
N VAL A 54 -1.33 35.21 -14.40
CA VAL A 54 -1.90 34.07 -15.17
C VAL A 54 -2.89 33.28 -14.30
N PRO A 55 -3.77 32.49 -14.98
CA PRO A 55 -4.69 31.65 -14.24
C PRO A 55 -3.93 30.67 -13.34
N TRP A 56 -4.56 30.32 -12.23
CA TRP A 56 -3.93 29.45 -11.25
C TRP A 56 -3.58 28.06 -11.84
N GLY A 57 -4.36 27.56 -12.80
CA GLY A 57 -3.97 26.25 -13.42
C GLY A 57 -2.78 26.24 -14.41
N SER A 58 -2.05 27.34 -14.59
CA SER A 58 -1.04 27.47 -15.70
C SER A 58 0.24 26.75 -15.45
N THR A 59 0.93 26.44 -16.53
CA THR A 59 2.29 25.90 -16.49
C THR A 59 3.20 26.97 -15.92
N PRO A 60 4.00 26.59 -14.87
CA PRO A 60 4.98 27.54 -14.35
C PRO A 60 6.16 27.83 -15.34
N THR A 61 6.64 29.07 -15.39
CA THR A 61 7.70 29.48 -16.33
C THR A 61 8.62 30.36 -15.59
N PRO A 62 9.84 30.63 -16.15
CA PRO A 62 10.74 31.54 -15.47
C PRO A 62 10.26 32.98 -15.26
N ASP A 63 9.25 33.42 -16.02
CA ASP A 63 8.76 34.80 -16.06
C ASP A 63 7.33 35.02 -15.51
N ASN A 64 6.47 33.99 -15.41
CA ASN A 64 5.05 34.23 -15.02
C ASN A 64 4.71 34.39 -13.52
N PHE A 65 3.70 35.20 -13.21
CA PHE A 65 3.26 35.41 -11.85
C PHE A 65 1.85 34.86 -11.74
N PHE A 66 1.62 34.12 -10.67
CA PHE A 66 0.33 33.53 -10.33
C PHE A 66 -0.40 34.27 -9.20
N GLY A 67 0.27 35.13 -8.44
CA GLY A 67 -0.40 35.95 -7.45
C GLY A 67 -0.49 35.29 -6.10
N GLY A 68 0.23 34.20 -5.87
CA GLY A 68 0.37 33.78 -4.46
C GLY A 68 0.70 34.94 -3.51
N ASP A 69 0.17 34.90 -2.30
CA ASP A 69 0.44 35.94 -1.33
C ASP A 69 0.55 35.42 0.11
N LEU A 70 0.85 36.31 1.05
CA LEU A 70 1.01 35.93 2.46
C LEU A 70 -0.34 35.63 3.10
N GLN A 71 -1.36 36.37 2.70
CA GLN A 71 -2.71 36.04 3.17
C GLN A 71 -3.13 34.62 2.76
N GLY A 72 -2.71 34.17 1.57
CA GLY A 72 -2.93 32.78 1.16
C GLY A 72 -2.26 31.84 2.15
N ILE A 73 -1.03 32.12 2.56
CA ILE A 73 -0.37 31.24 3.60
C ILE A 73 -1.23 31.14 4.91
N ILE A 74 -1.55 32.32 5.46
CA ILE A 74 -2.35 32.44 6.66
C ILE A 74 -3.59 31.62 6.48
N ASP A 75 -4.28 31.76 5.34
CA ASP A 75 -5.55 31.07 5.14
C ASP A 75 -5.45 29.55 5.10
N HIS A 76 -4.26 28.96 4.89
CA HIS A 76 -4.16 27.47 4.74
C HIS A 76 -3.24 26.89 5.81
N LEU A 77 -3.10 27.67 6.87
CA LEU A 77 -2.23 27.19 7.96
C LEU A 77 -2.72 25.89 8.56
N ASP A 78 -4.05 25.70 8.52
CA ASP A 78 -4.68 24.48 9.03
C ASP A 78 -4.20 23.25 8.23
N HIS A 79 -4.03 23.41 6.92
CA HIS A 79 -3.42 22.34 6.11
C HIS A 79 -2.01 21.93 6.57
N ILE A 80 -1.26 22.92 7.01
CA ILE A 80 0.12 22.75 7.30
C ILE A 80 0.18 21.97 8.66
N VAL A 81 -0.61 22.45 9.61
CA VAL A 81 -0.75 21.78 10.90
C VAL A 81 -1.28 20.31 10.72
N ALA A 82 -2.32 20.18 9.94
CA ALA A 82 -2.85 18.86 9.67
C ALA A 82 -1.85 17.89 8.96
N LEU A 83 -0.87 18.40 8.23
CA LEU A 83 0.20 17.56 7.72
C LEU A 83 1.11 17.03 8.84
N GLY A 84 1.26 17.81 9.89
CA GLY A 84 2.10 17.50 11.01
C GLY A 84 3.33 18.42 10.97
N ALA A 85 3.41 19.45 10.11
CA ALA A 85 4.51 20.47 10.10
C ALA A 85 4.32 21.52 11.20
N ASN A 86 5.42 22.01 11.77
CA ASN A 86 5.39 23.05 12.80
C ASN A 86 6.43 24.15 12.54
N ALA A 87 7.02 24.16 11.35
CA ALA A 87 7.95 25.17 10.94
C ALA A 87 7.80 25.36 9.41
N LEU A 88 7.94 26.58 9.00
CA LEU A 88 7.91 26.92 7.55
C LEU A 88 9.34 27.40 7.14
N TYR A 89 9.83 26.94 5.98
CA TYR A 89 10.94 27.59 5.30
C TYR A 89 10.32 28.34 4.07
N LEU A 90 10.33 29.66 4.08
CA LEU A 90 9.95 30.45 2.96
C LEU A 90 11.16 30.83 2.06
N THR A 91 10.96 30.63 0.76
CA THR A 91 11.83 31.17 -0.22
C THR A 91 11.69 32.70 -0.14
N PRO A 92 12.59 33.44 -0.80
CA PRO A 92 12.59 34.91 -0.54
C PRO A 92 11.21 35.66 -0.69
N ILE A 93 10.97 36.65 0.19
CA ILE A 93 9.70 37.40 0.17
C ILE A 93 9.85 38.92 0.10
N PHE A 94 11.06 39.41 -0.10
CA PHE A 94 11.33 40.80 -0.06
C PHE A 94 11.10 41.36 -1.49
N GLU A 95 10.78 42.65 -1.53
CA GLU A 95 10.57 43.31 -2.80
C GLU A 95 11.63 42.90 -3.86
N ALA A 96 11.17 42.46 -5.02
CA ALA A 96 12.05 41.90 -6.08
C ALA A 96 11.38 42.01 -7.46
N ASP A 97 12.05 41.69 -8.53
CA ASP A 97 11.42 41.85 -9.88
C ASP A 97 11.05 40.49 -10.54
N THR A 98 11.43 39.36 -9.93
CA THR A 98 11.19 38.01 -10.49
C THR A 98 10.13 37.25 -9.65
N ASN A 99 9.67 36.10 -10.17
CA ASN A 99 8.68 35.34 -9.45
C ASN A 99 9.38 34.53 -8.32
N HIS A 100 10.69 34.33 -8.39
CA HIS A 100 11.42 33.58 -7.36
C HIS A 100 12.00 34.47 -6.28
N ARG A 101 12.08 35.73 -6.63
CA ARG A 101 12.53 36.80 -5.76
C ARG A 101 13.97 36.71 -5.19
N TYR A 102 14.86 36.06 -5.89
CA TYR A 102 16.23 36.04 -5.45
C TYR A 102 16.98 37.34 -5.86
N ASP A 103 16.32 38.19 -6.63
CA ASP A 103 16.80 39.45 -7.13
C ASP A 103 16.23 40.56 -6.27
N ALA A 104 16.53 40.53 -5.00
CA ALA A 104 15.92 41.49 -4.14
C ALA A 104 16.24 42.93 -4.50
N LYS A 105 15.23 43.82 -4.40
CA LYS A 105 15.40 45.25 -4.60
C LYS A 105 15.27 46.10 -3.37
N ASP A 106 14.93 45.48 -2.25
CA ASP A 106 14.82 46.20 -0.98
C ASP A 106 14.66 45.14 0.06
N TYR A 107 15.71 44.86 0.82
CA TYR A 107 15.67 43.82 1.85
C TYR A 107 14.83 44.15 3.12
N PHE A 108 14.32 45.37 3.27
CA PHE A 108 13.61 45.74 4.46
C PHE A 108 12.04 45.91 4.16
N SER A 109 11.58 45.37 3.04
CA SER A 109 10.19 45.44 2.64
C SER A 109 9.75 44.11 2.09
N ILE A 110 8.52 43.76 2.46
CA ILE A 110 7.87 42.62 1.85
C ILE A 110 7.56 43.04 0.38
N ASP A 111 7.69 42.11 -0.54
CA ASP A 111 7.32 42.36 -1.88
C ASP A 111 5.88 42.79 -1.99
N HIS A 112 5.64 43.86 -2.69
CA HIS A 112 4.28 44.40 -2.81
C HIS A 112 3.17 43.45 -3.30
N ARG A 113 3.54 42.42 -4.03
CA ARG A 113 2.56 41.46 -4.51
C ARG A 113 2.24 40.40 -3.45
N LEU A 114 3.09 40.31 -2.46
CA LEU A 114 2.93 39.38 -1.36
C LEU A 114 2.09 39.96 -0.24
N GLY A 115 2.27 41.24 0.07
CA GLY A 115 1.46 41.85 1.10
C GLY A 115 2.23 42.97 1.68
N THR A 116 1.89 43.36 2.88
CA THR A 116 2.49 44.49 3.50
C THR A 116 3.16 43.97 4.77
N LEU A 117 3.96 44.85 5.39
CA LEU A 117 4.57 44.51 6.72
C LEU A 117 3.44 44.07 7.68
N GLU A 118 2.26 44.73 7.62
CA GLU A 118 1.16 44.29 8.56
C GLU A 118 0.70 42.83 8.30
N THR A 119 0.47 42.49 7.05
CA THR A 119 0.14 41.07 6.69
C THR A 119 1.20 40.11 7.19
N PHE A 120 2.48 40.46 7.02
CA PHE A 120 3.58 39.65 7.54
C PHE A 120 3.50 39.47 9.05
N HIS A 121 3.20 40.55 9.76
CA HIS A 121 3.01 40.48 11.20
C HIS A 121 1.86 39.57 11.53
N ALA A 122 0.80 39.68 10.77
CA ALA A 122 -0.34 38.82 10.99
C ALA A 122 0.03 37.36 10.74
N LEU A 123 0.84 37.10 9.73
CA LEU A 123 1.22 35.70 9.45
C LEU A 123 2.06 35.20 10.64
N MET A 124 2.94 36.05 11.16
CA MET A 124 3.81 35.62 12.28
C MET A 124 2.94 35.28 13.48
N ALA A 125 2.02 36.20 13.79
CA ALA A 125 1.13 36.00 14.94
C ALA A 125 0.26 34.76 14.74
N GLU A 126 -0.31 34.50 13.56
CA GLU A 126 -1.19 33.30 13.35
C GLU A 126 -0.34 32.02 13.41
N CYS A 127 0.91 32.09 12.93
CA CYS A 127 1.85 30.99 13.07
C CYS A 127 2.18 30.73 14.57
N ARG A 128 2.50 31.78 15.33
CA ARG A 128 2.79 31.62 16.78
C ARG A 128 1.63 30.97 17.55
N ALA A 129 0.43 31.38 17.23
CA ALA A 129 -0.78 30.88 17.84
C ALA A 129 -0.92 29.39 17.61
N ARG A 130 -0.45 28.91 16.49
CA ARG A 130 -0.54 27.49 16.15
C ARG A 130 0.71 26.69 16.39
N GLY A 131 1.72 27.33 16.95
CA GLY A 131 3.02 26.74 17.22
C GLY A 131 3.93 26.46 16.01
N ILE A 132 3.83 27.31 15.02
CA ILE A 132 4.55 27.22 13.79
C ILE A 132 5.64 28.27 13.83
N ARG A 133 6.86 27.81 13.64
CA ARG A 133 8.07 28.68 13.51
C ARG A 133 8.29 29.11 12.03
N ILE A 134 9.08 30.16 11.79
CA ILE A 134 9.27 30.72 10.44
C ILE A 134 10.76 30.92 10.22
N VAL A 135 11.32 30.24 9.20
CA VAL A 135 12.65 30.49 8.76
C VAL A 135 12.55 31.16 7.34
N LEU A 136 13.28 32.25 7.15
CA LEU A 136 13.33 33.00 5.94
C LEU A 136 14.66 32.78 5.16
N ASP A 137 14.61 33.07 3.87
CA ASP A 137 15.74 32.89 3.02
C ASP A 137 16.60 34.16 2.99
N ALA A 138 17.85 34.00 3.41
CA ALA A 138 18.88 35.03 3.44
C ALA A 138 19.74 34.99 2.16
N VAL A 139 19.52 35.96 1.31
CA VAL A 139 20.15 36.07 0.03
C VAL A 139 21.17 37.23 0.06
N LEU A 140 22.32 36.92 0.62
CA LEU A 140 23.34 37.89 0.89
C LEU A 140 24.54 37.96 -0.07
N ASN A 141 24.63 36.98 -0.94
CA ASN A 141 25.66 36.95 -1.87
C ASN A 141 25.41 37.94 -3.00
N HIS A 142 24.16 38.21 -3.29
CA HIS A 142 23.73 39.04 -4.41
C HIS A 142 22.33 39.63 -4.23
N CYS A 143 22.03 40.65 -5.00
CA CYS A 143 20.73 41.30 -4.98
C CYS A 143 20.31 41.42 -6.46
N GLY A 144 19.19 42.01 -6.71
CA GLY A 144 18.72 42.18 -8.09
C GLY A 144 19.27 43.45 -8.68
N ASP A 145 19.24 43.50 -10.01
CA ASP A 145 19.65 44.73 -10.69
C ASP A 145 18.72 45.89 -10.46
N GLY A 146 17.54 45.63 -9.91
CA GLY A 146 16.60 46.66 -9.56
C GLY A 146 16.82 47.28 -8.19
N HIS A 147 17.70 46.75 -7.38
CA HIS A 147 17.91 47.26 -6.06
C HIS A 147 18.38 48.73 -6.09
N TRP A 148 17.87 49.58 -5.22
CA TRP A 148 18.23 51.01 -5.22
C TRP A 148 19.73 51.33 -5.30
N ALA A 149 20.54 50.62 -4.56
CA ALA A 149 22.02 50.79 -4.57
C ALA A 149 22.61 50.51 -5.90
N PHE A 150 22.21 49.42 -6.54
CA PHE A 150 22.77 49.07 -7.84
C PHE A 150 22.31 50.06 -8.97
N ALA A 151 21.06 50.46 -8.90
CA ALA A 151 20.49 51.43 -9.86
C ALA A 151 21.16 52.77 -9.65
N ASP A 152 21.62 53.04 -8.42
CA ASP A 152 22.32 54.30 -8.11
C ASP A 152 23.71 54.30 -8.78
N VAL A 153 24.30 53.11 -8.86
CA VAL A 153 25.58 52.93 -9.47
C VAL A 153 25.49 53.02 -10.98
N VAL A 154 24.46 52.43 -11.57
CA VAL A 154 24.25 52.51 -13.02
C VAL A 154 24.11 54.01 -13.43
N GLU A 155 23.41 54.74 -12.60
CA GLU A 155 23.14 56.13 -12.86
C GLU A 155 24.25 57.12 -12.53
N ASN A 156 24.74 57.05 -11.31
CA ASN A 156 25.74 57.95 -10.81
C ASN A 156 27.22 57.46 -10.93
N GLU A 157 27.38 56.22 -11.36
CA GLU A 157 28.64 55.57 -11.57
C GLU A 157 29.64 55.82 -10.45
N ALA A 158 30.79 56.37 -10.79
CA ALA A 158 31.86 56.64 -9.82
C ALA A 158 31.47 57.58 -8.74
N ASP A 159 30.60 58.50 -9.05
CA ASP A 159 30.02 59.41 -8.07
C ASP A 159 28.91 58.81 -7.17
N SER A 160 28.52 57.57 -7.37
CA SER A 160 27.49 56.94 -6.49
C SER A 160 28.13 56.63 -5.14
N ALA A 161 27.43 56.90 -4.05
CA ALA A 161 27.91 56.45 -2.72
C ALA A 161 28.03 54.92 -2.58
N TYR A 162 27.44 54.16 -3.50
CA TYR A 162 27.31 52.73 -3.36
C TYR A 162 28.15 51.96 -4.36
N VAL A 163 29.09 52.67 -5.04
CA VAL A 163 29.90 52.06 -6.11
C VAL A 163 30.65 50.84 -5.59
N ASN A 164 31.17 50.92 -4.36
CA ASN A 164 31.92 49.82 -3.80
C ASN A 164 31.10 48.83 -2.99
N TRP A 165 29.77 48.98 -3.00
CA TRP A 165 28.92 47.95 -2.51
C TRP A 165 28.80 46.77 -3.53
N PHE A 166 29.35 46.96 -4.72
CA PHE A 166 29.40 46.01 -5.81
C PHE A 166 30.85 45.96 -6.34
N SER A 167 31.07 44.99 -7.23
CA SER A 167 32.28 44.80 -7.97
C SER A 167 31.93 45.12 -9.46
N VAL A 168 31.90 46.41 -9.78
CA VAL A 168 31.71 46.88 -11.16
C VAL A 168 33.09 47.24 -11.85
N GLU A 169 33.37 46.62 -12.96
CA GLU A 169 34.67 46.70 -13.61
C GLU A 169 34.97 48.08 -14.16
N GLY A 170 33.94 48.76 -14.64
CA GLY A 170 34.14 50.10 -15.24
C GLY A 170 32.82 50.58 -15.79
N PHE A 171 32.82 51.76 -16.37
CA PHE A 171 31.60 52.47 -16.74
C PHE A 171 31.65 52.76 -18.21
N PRO A 172 30.50 52.78 -18.87
CA PRO A 172 29.17 52.55 -18.20
C PRO A 172 28.90 51.05 -17.90
N VAL A 173 28.06 50.81 -16.92
CA VAL A 173 27.61 49.40 -16.57
C VAL A 173 26.82 48.80 -17.73
N THR A 174 27.20 47.58 -18.12
CA THR A 174 26.54 46.94 -19.21
C THR A 174 26.35 45.48 -18.92
N ALA A 175 25.20 44.98 -19.35
CA ALA A 175 24.92 43.56 -19.32
C ALA A 175 25.24 42.89 -20.62
N HIS A 176 25.27 43.71 -21.68
CA HIS A 176 24.96 43.37 -23.10
C HIS A 176 25.59 42.13 -23.68
N PRO A 177 26.93 42.11 -23.81
CA PRO A 177 27.35 40.75 -24.20
C PRO A 177 27.30 39.93 -22.92
N THR A 178 28.14 40.32 -21.98
CA THR A 178 28.31 39.70 -20.68
C THR A 178 28.34 40.88 -19.71
N PRO A 179 27.91 40.64 -18.47
CA PRO A 179 27.91 41.74 -17.51
C PRO A 179 29.31 42.16 -17.22
N ASN A 180 29.54 43.46 -17.01
CA ASN A 180 30.86 43.96 -16.68
C ASN A 180 31.00 44.22 -15.21
N TYR A 181 30.36 43.32 -14.43
CA TYR A 181 30.34 43.38 -13.00
C TYR A 181 30.20 41.97 -12.50
N ARG A 182 30.66 41.73 -11.28
CA ARG A 182 30.52 40.39 -10.72
C ARG A 182 29.02 40.08 -10.39
N THR A 183 28.61 38.86 -10.72
CA THR A 183 27.23 38.35 -10.49
C THR A 183 27.14 37.00 -9.78
N CYS A 184 25.89 36.52 -9.50
CA CYS A 184 25.66 35.14 -9.17
C CYS A 184 25.72 34.31 -10.48
N SER A 185 26.84 33.59 -10.69
CA SER A 185 27.01 32.61 -11.80
C SER A 185 26.67 33.21 -13.18
N GLY A 186 27.03 34.45 -13.42
CA GLY A 186 26.98 35.00 -14.77
C GLY A 186 25.68 35.68 -15.12
N CYS A 187 24.74 35.66 -14.19
CA CYS A 187 23.40 36.15 -14.43
C CYS A 187 23.31 37.65 -14.22
N TYR A 188 22.94 38.39 -15.29
CA TYR A 188 23.05 39.83 -15.31
C TYR A 188 22.18 40.55 -14.33
N TYR A 189 21.06 39.95 -13.99
CA TYR A 189 20.15 40.60 -13.04
C TYR A 189 20.41 40.21 -11.56
N LEU A 190 21.48 39.49 -11.29
CA LEU A 190 21.91 39.17 -9.91
C LEU A 190 23.38 39.70 -9.64
N PRO A 191 23.57 41.04 -9.57
CA PRO A 191 24.82 41.58 -9.20
C PRO A 191 25.28 41.07 -7.82
N LYS A 192 26.55 40.73 -7.74
CA LYS A 192 27.19 40.24 -6.51
C LYS A 192 27.41 41.39 -5.54
N TRP A 193 26.90 41.23 -4.32
CA TRP A 193 27.27 42.15 -3.24
C TRP A 193 28.80 42.04 -2.94
N ASN A 194 29.47 43.17 -2.64
CA ASN A 194 30.83 43.15 -2.24
C ASN A 194 30.89 42.99 -0.72
N ALA A 195 30.95 41.76 -0.32
CA ALA A 195 31.04 41.41 1.07
C ALA A 195 32.32 41.80 1.73
N TYR A 196 33.33 42.24 0.95
CA TYR A 196 34.58 42.72 1.52
C TYR A 196 34.43 44.15 2.02
N ASN A 197 33.31 44.82 1.69
CA ASN A 197 33.05 46.20 2.11
C ASN A 197 32.36 46.14 3.50
N PRO A 198 32.96 46.70 4.58
CA PRO A 198 32.29 46.80 5.90
C PRO A 198 30.87 47.40 5.85
N GLU A 199 30.66 48.34 4.94
CA GLU A 199 29.36 48.99 4.72
C GLU A 199 28.33 47.95 4.29
N VAL A 200 28.76 47.06 3.40
CA VAL A 200 27.87 45.97 2.91
C VAL A 200 27.62 45.01 4.00
N ARG A 201 28.67 44.57 4.72
CA ARG A 201 28.44 43.67 5.85
C ARG A 201 27.47 44.31 6.84
N HIS A 202 27.59 45.63 7.08
CA HIS A 202 26.68 46.30 8.01
C HIS A 202 25.24 46.20 7.51
N HIS A 203 25.01 46.43 6.24
CA HIS A 203 23.68 46.31 5.68
C HIS A 203 23.14 44.89 5.85
N HIS A 204 23.97 43.91 5.56
CA HIS A 204 23.60 42.54 5.65
C HIS A 204 23.21 42.13 7.08
N LEU A 205 24.03 42.55 8.04
CA LEU A 205 23.76 42.24 9.41
C LEU A 205 22.47 42.94 9.87
N ASP A 206 22.25 44.19 9.44
CA ASP A 206 20.99 44.90 9.74
C ASP A 206 19.74 44.17 9.15
N VAL A 207 19.85 43.58 7.95
CA VAL A 207 18.79 42.71 7.43
C VAL A 207 18.57 41.56 8.41
N ALA A 208 19.60 40.86 8.81
CA ALA A 208 19.42 39.74 9.72
C ALA A 208 18.68 40.15 11.01
N ARG A 209 19.11 41.26 11.57
CA ARG A 209 18.56 41.75 12.80
C ARG A 209 17.14 42.22 12.70
N TYR A 210 16.86 42.93 11.65
CA TYR A 210 15.58 43.51 11.40
C TYR A 210 14.47 42.49 11.36
N TRP A 211 14.67 41.40 10.64
CA TRP A 211 13.62 40.42 10.51
C TRP A 211 13.52 39.58 11.77
N ILE A 212 14.63 39.40 12.48
CA ILE A 212 14.55 38.77 13.81
C ILE A 212 13.73 39.67 14.72
N ASP A 213 13.94 40.99 14.64
CA ASP A 213 13.08 41.90 15.44
C ASP A 213 11.61 41.83 15.02
N GLN A 214 11.28 41.43 13.79
CA GLN A 214 9.87 41.25 13.39
C GLN A 214 9.23 39.89 13.74
N GLY A 215 9.99 39.02 14.37
CA GLY A 215 9.47 37.79 14.90
C GLY A 215 9.95 36.47 14.31
N ILE A 216 10.86 36.47 13.35
CA ILE A 216 11.28 35.21 12.74
C ILE A 216 12.13 34.32 13.69
N ASP A 217 12.23 33.04 13.36
CA ASP A 217 12.86 32.01 14.16
C ASP A 217 14.20 31.51 13.58
N GLY A 218 14.54 31.98 12.39
CA GLY A 218 15.79 31.57 11.76
C GLY A 218 15.93 31.98 10.32
N TRP A 219 17.12 31.66 9.80
CA TRP A 219 17.47 32.05 8.43
C TRP A 219 18.04 30.85 7.70
N ARG A 220 17.59 30.65 6.47
CA ARG A 220 18.22 29.67 5.56
C ARG A 220 19.22 30.47 4.68
N LEU A 221 20.46 30.05 4.62
CA LEU A 221 21.57 30.79 3.83
C LEU A 221 21.64 30.36 2.35
N ASP A 222 21.34 31.31 1.43
CA ASP A 222 21.35 31.06 -0.01
C ASP A 222 22.86 31.12 -0.46
N VAL A 223 23.29 30.08 -1.23
CA VAL A 223 24.61 29.94 -1.88
C VAL A 223 25.69 30.48 -0.96
N PRO A 224 25.75 29.96 0.31
CA PRO A 224 26.69 30.49 1.31
C PRO A 224 28.13 30.32 0.90
N TYR A 225 28.38 29.29 0.10
CA TYR A 225 29.71 29.04 -0.51
C TYR A 225 30.20 30.07 -1.51
N PHE A 226 29.36 30.98 -1.94
CA PHE A 226 29.78 32.09 -2.80
C PHE A 226 30.32 33.29 -1.98
N ILE A 227 30.15 33.28 -0.66
CA ILE A 227 30.70 34.37 0.16
C ILE A 227 31.94 33.81 0.83
N ASN A 228 32.13 33.98 2.12
CA ASN A 228 33.30 33.45 2.79
C ASN A 228 33.00 33.14 4.23
N HIS A 229 33.74 32.22 4.81
CA HIS A 229 33.44 31.89 6.16
C HIS A 229 33.60 33.03 7.12
N THR A 230 34.55 33.92 6.87
CA THR A 230 34.67 35.06 7.81
C THR A 230 33.37 35.78 7.96
N PHE A 231 32.71 36.11 6.81
CA PHE A 231 31.42 36.77 6.87
C PHE A 231 30.39 35.93 7.68
N TRP A 232 30.34 34.62 7.41
CA TRP A 232 29.38 33.77 8.04
C TRP A 232 29.62 33.66 9.55
N ARG A 233 30.86 33.82 10.01
CA ARG A 233 31.05 33.84 11.49
C ARG A 233 30.53 35.13 12.07
N GLU A 234 30.76 36.25 11.39
CA GLU A 234 30.16 37.55 11.84
C GLU A 234 28.61 37.42 11.93
N PHE A 235 28.03 36.70 10.96
CA PHE A 235 26.57 36.52 10.82
C PHE A 235 26.01 35.71 11.97
N ARG A 236 26.60 34.55 12.25
CA ARG A 236 26.27 33.80 13.46
C ARG A 236 26.34 34.63 14.77
N THR A 237 27.45 35.30 14.98
CA THR A 237 27.56 36.16 16.15
C THR A 237 26.41 37.14 16.22
N ALA A 238 26.02 37.77 15.10
CA ALA A 238 24.93 38.76 15.12
C ALA A 238 23.57 38.14 15.41
N VAL A 239 23.29 36.98 14.80
CA VAL A 239 21.99 36.29 14.95
C VAL A 239 21.90 35.65 16.38
N LYS A 240 22.91 34.88 16.77
CA LYS A 240 22.88 34.19 18.09
C LYS A 240 22.91 35.16 19.28
N GLY A 241 23.55 36.32 19.08
CA GLY A 241 23.49 37.46 20.00
C GLY A 241 22.13 38.03 20.31
N LYS A 242 21.21 38.05 19.31
CA LYS A 242 19.78 38.29 19.55
C LYS A 242 19.14 37.15 20.37
N SER A 243 19.38 35.91 19.96
CA SER A 243 19.01 34.73 20.67
C SER A 243 19.68 33.45 20.19
N GLU A 244 20.21 32.66 21.15
CA GLU A 244 20.89 31.43 20.85
C GLU A 244 20.00 30.42 20.14
N ASP A 245 18.68 30.52 20.34
CA ASP A 245 17.74 29.58 19.74
C ASP A 245 17.30 29.91 18.30
N LEU A 246 17.81 30.99 17.75
CA LEU A 246 17.49 31.32 16.32
C LEU A 246 18.28 30.32 15.48
N TYR A 247 17.64 29.75 14.47
CA TYR A 247 18.25 28.65 13.71
C TYR A 247 18.97 29.22 12.46
N ILE A 248 20.15 28.70 12.16
CA ILE A 248 20.85 29.07 10.92
C ILE A 248 21.09 27.77 10.18
N VAL A 249 20.57 27.67 8.96
CA VAL A 249 20.80 26.50 8.08
C VAL A 249 21.32 26.89 6.70
N ALA A 250 22.47 26.31 6.30
CA ALA A 250 23.11 26.51 5.03
C ALA A 250 22.59 25.65 3.94
N GLU A 251 22.36 26.25 2.77
CA GLU A 251 22.23 25.50 1.55
C GLU A 251 23.58 24.94 1.25
N GLU A 252 23.68 23.63 1.11
CA GLU A 252 24.92 23.02 0.69
C GLU A 252 24.54 21.71 -0.01
N TRP A 253 25.01 21.51 -1.22
CA TRP A 253 24.67 20.34 -1.99
C TRP A 253 25.63 19.16 -1.88
N ARG A 254 26.77 19.39 -1.26
CA ARG A 254 27.77 18.36 -1.10
C ARG A 254 28.03 18.09 0.40
N SER A 255 29.26 17.83 0.82
CA SER A 255 29.46 17.53 2.23
C SER A 255 29.08 18.71 3.11
N PRO A 256 28.37 18.45 4.19
CA PRO A 256 27.94 19.60 5.06
C PRO A 256 28.99 20.04 6.05
N VAL A 257 30.10 19.29 6.12
CA VAL A 257 30.95 19.35 7.35
C VAL A 257 31.61 20.75 7.53
N GLU A 258 31.92 21.47 6.47
CA GLU A 258 32.51 22.83 6.65
C GLU A 258 31.65 23.81 7.40
N TRP A 259 30.32 23.58 7.38
CA TRP A 259 29.35 24.44 7.93
C TRP A 259 29.05 24.04 9.34
N LEU A 260 29.61 22.94 9.83
CA LEU A 260 29.29 22.45 11.15
C LEU A 260 30.37 22.47 12.21
N GLN A 261 31.18 23.49 12.21
CA GLN A 261 32.25 23.53 13.15
C GLN A 261 31.91 24.30 14.42
N GLY A 262 30.73 24.86 14.45
CA GLY A 262 30.30 25.59 15.60
C GLY A 262 30.42 27.06 15.47
N ASP A 263 30.89 27.53 14.36
CA ASP A 263 31.06 28.96 14.14
C ASP A 263 30.28 29.54 12.97
N THR A 264 29.65 28.72 12.17
CA THR A 264 28.75 29.25 11.07
C THR A 264 27.27 28.81 11.26
N ALA A 265 26.89 27.66 10.71
CA ALA A 265 25.46 27.25 10.68
C ALA A 265 25.18 26.21 11.78
N ASP A 266 23.89 25.95 12.04
CA ASP A 266 23.41 24.90 12.91
C ASP A 266 23.21 23.61 12.15
N GLY A 267 23.41 23.61 10.84
CA GLY A 267 23.12 22.42 10.01
C GLY A 267 23.03 22.90 8.56
N THR A 268 22.83 21.94 7.65
CA THR A 268 22.59 22.27 6.26
C THR A 268 21.33 21.54 5.75
N MET A 269 20.87 21.98 4.56
CA MET A 269 19.98 21.24 3.74
C MET A 269 20.65 19.93 3.36
N ASN A 270 20.01 18.81 3.65
CA ASN A 270 20.74 17.51 3.63
C ASN A 270 20.61 16.93 2.27
N TYR A 271 21.26 17.61 1.30
CA TYR A 271 21.16 17.07 -0.03
C TYR A 271 21.89 15.69 -0.21
N THR A 272 22.80 15.38 0.68
CA THR A 272 23.45 14.07 0.65
C THR A 272 22.46 12.95 0.91
N ALA A 273 21.67 13.07 1.96
CA ALA A 273 20.65 12.03 2.30
C ALA A 273 19.53 12.04 1.22
N ARG A 274 19.20 13.23 0.66
CA ARG A 274 18.30 13.23 -0.55
C ARG A 274 18.80 12.21 -1.60
N ASP A 275 20.06 12.34 -1.98
CA ASP A 275 20.66 11.50 -3.03
C ASP A 275 20.77 10.04 -2.73
N LEU A 276 21.17 9.71 -1.51
CA LEU A 276 21.15 8.34 -1.02
C LEU A 276 19.67 7.72 -1.00
N ILE A 277 18.75 8.41 -0.36
CA ILE A 277 17.39 7.86 -0.26
C ILE A 277 16.82 7.54 -1.66
N LEU A 278 16.87 8.55 -2.54
CA LEU A 278 16.28 8.41 -3.90
C LEU A 278 17.05 7.41 -4.75
N GLY A 279 18.34 7.26 -4.48
CA GLY A 279 19.12 6.22 -5.15
C GLY A 279 18.50 4.84 -4.92
N PHE A 280 18.09 4.63 -3.68
CA PHE A 280 17.46 3.37 -3.27
C PHE A 280 16.00 3.25 -3.71
N THR A 281 15.17 4.28 -3.45
CA THR A 281 13.72 4.15 -3.66
C THR A 281 13.30 4.42 -5.10
N ALA A 282 14.04 5.23 -5.84
CA ALA A 282 13.57 5.72 -7.18
C ALA A 282 14.43 5.19 -8.30
N ASP A 283 15.76 5.31 -8.20
CA ASP A 283 16.68 5.03 -9.32
C ASP A 283 17.02 3.57 -9.38
N GLY A 284 17.22 2.95 -8.21
CA GLY A 284 17.61 1.54 -8.09
C GLY A 284 19.10 1.35 -8.22
N GLY A 285 19.87 2.45 -8.24
CA GLY A 285 21.30 2.39 -8.31
C GLY A 285 21.99 1.97 -7.03
N ILE A 286 21.38 2.13 -5.88
CA ILE A 286 22.03 1.79 -4.63
C ILE A 286 21.14 0.79 -3.93
N ASP A 287 21.73 -0.16 -3.21
CA ASP A 287 20.97 -1.16 -2.54
C ASP A 287 20.93 -0.85 -1.04
N ALA A 288 20.24 -1.68 -0.28
CA ALA A 288 20.04 -1.36 1.09
C ALA A 288 21.38 -1.23 1.82
N SER A 289 22.38 -2.06 1.44
CA SER A 289 23.68 -2.06 2.17
C SER A 289 24.43 -0.73 2.01
N ALA A 290 24.41 -0.24 0.77
CA ALA A 290 25.01 1.03 0.39
C ALA A 290 24.27 2.20 0.97
N LEU A 291 22.94 2.10 1.04
CA LEU A 291 22.15 3.16 1.64
C LEU A 291 22.52 3.27 3.12
N ALA A 292 22.43 2.14 3.82
CA ALA A 292 22.86 2.06 5.22
C ALA A 292 24.25 2.61 5.47
N ALA A 293 25.22 2.15 4.69
CA ALA A 293 26.61 2.58 4.91
C ALA A 293 26.76 4.07 4.70
N GLY A 294 26.10 4.59 3.67
CA GLY A 294 26.14 6.01 3.35
C GLY A 294 25.54 6.89 4.40
N LEU A 295 24.38 6.45 4.91
CA LEU A 295 23.75 7.14 6.01
C LEU A 295 24.52 7.06 7.33
N ASN A 296 25.13 5.90 7.65
CA ASN A 296 25.98 5.77 8.89
C ASN A 296 27.26 6.63 8.74
N ALA A 297 27.86 6.64 7.55
CA ALA A 297 29.04 7.51 7.31
C ALA A 297 28.68 9.04 7.41
N LEU A 298 27.53 9.39 6.88
CA LEU A 298 27.11 10.76 6.91
C LEU A 298 26.94 11.14 8.32
N HIS A 299 26.31 10.26 9.03
CA HIS A 299 26.11 10.41 10.42
C HIS A 299 27.45 10.58 11.18
N ALA A 300 28.41 9.77 10.87
CA ALA A 300 29.68 9.84 11.52
C ALA A 300 30.45 11.12 11.21
N GLU A 301 30.25 11.65 10.03
CA GLU A 301 30.92 12.89 9.60
C GLU A 301 30.29 14.18 10.18
N ILE A 302 29.01 14.13 10.49
CA ILE A 302 28.34 15.25 11.10
C ILE A 302 28.75 15.29 12.56
N PRO A 303 29.28 16.43 13.03
CA PRO A 303 29.69 16.46 14.46
C PRO A 303 28.54 16.45 15.46
N ALA A 304 28.83 15.92 16.66
CA ALA A 304 27.93 15.94 17.78
C ALA A 304 27.37 17.32 18.06
N GLY A 305 26.07 17.44 18.31
CA GLY A 305 25.37 18.74 18.49
C GLY A 305 24.72 19.27 17.19
N PHE A 306 25.08 18.68 16.05
CA PHE A 306 24.57 19.19 14.76
C PHE A 306 23.70 18.22 14.01
N HIS A 307 23.56 16.98 14.48
CA HIS A 307 22.64 16.05 13.81
C HIS A 307 21.20 16.60 13.77
N ARG A 308 20.73 17.09 14.92
CA ARG A 308 19.39 17.61 15.02
C ARG A 308 19.16 18.80 14.08
N GLY A 309 20.21 19.55 13.79
CA GLY A 309 20.11 20.74 12.94
C GLY A 309 20.05 20.49 11.46
N MET A 310 20.29 19.25 11.02
CA MET A 310 20.21 18.93 9.62
C MET A 310 18.76 19.04 9.16
N LEU A 311 18.58 19.66 8.00
CA LEU A 311 17.29 19.92 7.42
C LEU A 311 17.19 18.90 6.31
N ASN A 312 16.52 17.78 6.61
CA ASN A 312 16.38 16.67 5.66
C ASN A 312 15.23 16.95 4.67
N LEU A 313 15.47 16.61 3.43
CA LEU A 313 14.54 16.87 2.30
C LEU A 313 14.72 15.80 1.20
N LEU A 314 13.72 15.71 0.38
CA LEU A 314 13.67 14.82 -0.76
C LEU A 314 13.52 15.64 -2.00
N GLY A 315 13.32 16.93 -1.86
CA GLY A 315 13.03 17.75 -3.06
C GLY A 315 12.97 19.17 -2.58
N SER A 316 13.15 20.12 -3.53
CA SER A 316 13.06 21.54 -3.23
C SER A 316 12.60 22.27 -4.49
N HIS A 317 12.51 23.60 -4.39
CA HIS A 317 12.37 24.47 -5.57
C HIS A 317 13.51 24.44 -6.63
N ASP A 318 14.57 23.70 -6.34
CA ASP A 318 15.72 23.58 -7.18
C ASP A 318 15.85 22.13 -7.66
N THR A 319 14.81 21.32 -7.53
CA THR A 319 14.95 19.93 -8.03
C THR A 319 13.62 19.58 -8.66
N GLU A 320 13.61 18.48 -9.41
CA GLU A 320 12.36 17.89 -9.89
C GLU A 320 11.54 17.42 -8.67
N ARG A 321 10.22 17.30 -8.84
CA ARG A 321 9.33 16.81 -7.79
C ARG A 321 9.56 15.35 -7.44
N VAL A 322 9.54 15.04 -6.14
CA VAL A 322 9.77 13.68 -5.71
C VAL A 322 8.95 12.65 -6.56
N LEU A 323 7.68 12.91 -6.77
CA LEU A 323 6.83 11.95 -7.51
C LEU A 323 7.23 11.75 -9.01
N THR A 324 7.76 12.79 -9.62
CA THR A 324 8.36 12.72 -10.92
C THR A 324 9.68 11.95 -10.87
N ARG A 325 10.44 12.08 -9.79
CA ARG A 325 11.65 11.32 -9.68
C ARG A 325 11.30 9.85 -9.58
N HIS A 326 10.13 9.57 -9.02
CA HIS A 326 9.65 8.23 -8.88
C HIS A 326 8.81 7.73 -10.06
N ALA A 327 8.77 8.51 -11.12
CA ALA A 327 8.04 8.20 -12.33
C ALA A 327 6.62 7.86 -12.05
N GLY A 328 6.00 8.63 -11.16
CA GLY A 328 4.54 8.43 -10.80
C GLY A 328 4.16 7.25 -9.89
N ASP A 329 5.14 6.53 -9.37
CA ASP A 329 4.95 5.41 -8.51
C ASP A 329 4.80 5.93 -7.11
N VAL A 330 3.54 6.05 -6.69
CA VAL A 330 3.19 6.58 -5.39
C VAL A 330 3.72 5.72 -4.23
N GLU A 331 3.67 4.39 -4.38
CA GLU A 331 4.14 3.49 -3.33
C GLU A 331 5.64 3.59 -3.18
N ALA A 332 6.36 3.73 -4.30
CA ALA A 332 7.81 3.93 -4.23
C ALA A 332 8.07 5.27 -3.51
N ALA A 333 7.32 6.31 -3.87
CA ALA A 333 7.49 7.60 -3.21
C ALA A 333 7.31 7.51 -1.72
N LEU A 334 6.31 6.73 -1.32
CA LEU A 334 6.03 6.58 0.09
C LEU A 334 7.22 5.99 0.86
N LEU A 335 7.99 5.13 0.20
CA LEU A 335 9.26 4.60 0.74
C LEU A 335 10.22 5.72 1.08
N SER A 336 10.33 6.68 0.16
CA SER A 336 11.20 7.90 0.33
C SER A 336 10.81 8.71 1.56
N TYR A 337 9.47 8.85 1.76
CA TYR A 337 8.98 9.64 2.88
C TYR A 337 9.17 8.88 4.18
N ALA A 338 9.06 7.55 4.13
CA ALA A 338 9.24 6.70 5.32
C ALA A 338 10.64 6.91 5.83
N LEU A 339 11.59 6.85 4.91
CA LEU A 339 13.03 7.08 5.21
C LEU A 339 13.31 8.50 5.72
N LEU A 340 12.81 9.47 4.99
CA LEU A 340 12.86 10.91 5.39
C LEU A 340 12.43 11.16 6.83
N PHE A 341 11.26 10.66 7.19
CA PHE A 341 10.72 10.93 8.49
C PHE A 341 11.41 10.08 9.64
N SER A 342 12.12 9.04 9.27
CA SER A 342 12.86 8.18 10.22
C SER A 342 14.19 8.78 10.64
N LEU A 343 14.74 9.66 9.82
CA LEU A 343 16.10 10.21 10.03
C LEU A 343 16.27 11.24 11.12
N GLU A 344 17.44 11.16 11.78
CA GLU A 344 17.85 12.19 12.76
C GLU A 344 18.02 13.49 11.94
N GLY A 345 17.62 14.62 12.49
CA GLY A 345 17.48 15.81 11.69
C GLY A 345 15.99 16.11 11.42
N ALA A 346 15.71 17.36 11.05
CA ALA A 346 14.35 17.83 10.89
C ALA A 346 13.82 17.58 9.46
N PRO A 347 12.70 16.81 9.30
CA PRO A 347 12.26 16.51 7.90
C PRO A 347 11.47 17.66 7.36
N MET A 348 11.57 17.81 6.05
CA MET A 348 10.99 18.95 5.36
C MET A 348 10.23 18.41 4.18
N VAL A 349 8.98 18.78 4.08
CA VAL A 349 8.15 18.49 2.89
C VAL A 349 8.04 19.75 2.07
N TYR A 350 8.20 19.56 0.80
CA TYR A 350 8.13 20.64 -0.22
C TYR A 350 6.71 20.88 -0.66
N TYR A 351 6.22 22.10 -0.51
CA TYR A 351 4.80 22.37 -0.76
C TYR A 351 4.27 21.60 -2.01
N GLY A 352 3.11 20.93 -1.81
CA GLY A 352 2.41 20.16 -2.85
C GLY A 352 2.91 18.73 -3.09
N ASP A 353 4.13 18.38 -2.63
CA ASP A 353 4.51 16.97 -2.69
C ASP A 353 3.57 16.10 -1.89
N GLU A 354 3.03 16.62 -0.80
CA GLU A 354 2.13 15.81 0.07
C GLU A 354 0.86 15.37 -0.55
N VAL A 355 0.43 16.10 -1.59
CA VAL A 355 -0.72 15.77 -2.38
C VAL A 355 -0.40 15.18 -3.75
N GLY A 356 0.88 14.92 -4.00
CA GLY A 356 1.38 14.33 -5.24
C GLY A 356 1.40 15.17 -6.51
N LEU A 357 1.65 16.49 -6.39
CA LEU A 357 2.09 17.28 -7.56
C LEU A 357 3.31 16.68 -8.22
N THR A 358 3.34 16.82 -9.55
CA THR A 358 4.44 16.38 -10.40
C THR A 358 5.03 17.59 -11.12
N GLY A 359 6.22 17.39 -11.65
CA GLY A 359 6.96 18.44 -12.37
C GLY A 359 8.45 18.12 -12.46
N ASP A 360 9.00 18.52 -13.57
CA ASP A 360 10.43 18.47 -13.78
C ASP A 360 11.06 19.58 -12.97
N ASN A 361 12.37 19.66 -13.04
CA ASN A 361 13.09 20.68 -12.31
C ASN A 361 12.66 22.08 -12.77
N ASP A 362 12.90 23.07 -11.92
CA ASP A 362 12.69 24.50 -12.07
C ASP A 362 12.73 24.93 -13.51
N PRO A 363 11.64 25.43 -14.02
CA PRO A 363 10.46 25.88 -13.32
C PRO A 363 9.36 24.88 -13.08
N GLY A 364 9.54 23.69 -13.61
CA GLY A 364 8.46 22.71 -13.57
C GLY A 364 8.10 22.28 -12.14
N CYS A 365 9.01 22.41 -11.16
CA CYS A 365 8.63 22.03 -9.77
C CYS A 365 7.92 23.19 -9.01
N ARG A 366 7.57 24.25 -9.70
CA ARG A 366 7.06 25.44 -9.05
C ARG A 366 5.59 25.68 -9.47
N GLY A 367 4.86 24.60 -9.64
CA GLY A 367 3.46 24.71 -10.01
C GLY A 367 2.61 25.23 -8.85
N ALA A 368 1.47 25.81 -9.21
CA ALA A 368 0.49 26.28 -8.28
C ALA A 368 -0.09 25.17 -7.42
N MET A 369 -0.22 25.44 -6.14
CA MET A 369 -0.78 24.44 -5.25
C MET A 369 -2.30 24.34 -5.47
N PRO A 370 -2.80 23.13 -5.79
CA PRO A 370 -4.27 22.97 -5.94
C PRO A 370 -4.98 22.91 -4.55
N TRP A 371 -6.09 23.60 -4.47
CA TRP A 371 -6.96 23.59 -3.31
C TRP A 371 -8.31 22.88 -3.52
N ASN A 372 -8.46 22.17 -4.63
CA ASN A 372 -9.59 21.25 -4.76
C ASN A 372 -9.12 19.90 -4.27
N GLU A 373 -9.76 19.39 -3.20
CA GLU A 373 -9.37 18.10 -2.62
C GLU A 373 -9.52 16.90 -3.56
N GLU A 374 -10.39 17.01 -4.54
CA GLU A 374 -10.49 15.97 -5.56
C GLU A 374 -9.27 15.94 -6.50
N SER A 375 -8.44 16.98 -6.57
CA SER A 375 -7.23 16.86 -7.36
C SER A 375 -6.03 16.38 -6.51
N TRP A 376 -6.21 16.03 -5.26
CA TRP A 376 -5.13 15.54 -4.35
C TRP A 376 -5.06 14.05 -4.38
N ASN A 377 -3.88 13.50 -4.26
CA ASN A 377 -3.77 12.09 -3.90
C ASN A 377 -3.79 12.06 -2.37
N THR A 378 -4.99 11.80 -1.84
CA THR A 378 -5.22 11.88 -0.40
C THR A 378 -4.65 10.66 0.30
N ARG A 379 -4.46 9.52 -0.38
CA ARG A 379 -3.78 8.40 0.31
C ARG A 379 -2.26 8.63 0.48
N LEU A 380 -1.68 9.32 -0.48
CA LEU A 380 -0.33 9.78 -0.32
C LEU A 380 -0.19 10.76 0.88
N LEU A 381 -1.12 11.71 0.95
CA LEU A 381 -1.19 12.71 2.01
C LEU A 381 -1.28 12.00 3.36
N ASP A 382 -2.15 10.97 3.40
CA ASP A 382 -2.42 10.27 4.67
C ASP A 382 -1.24 9.39 5.07
N GLY A 383 -0.57 8.84 4.09
CA GLY A 383 0.65 8.07 4.37
C GLY A 383 1.70 8.93 5.01
N ILE A 384 1.93 10.10 4.44
CA ILE A 384 2.89 11.05 5.00
C ILE A 384 2.51 11.53 6.40
N ARG A 385 1.23 11.81 6.58
CA ARG A 385 0.71 12.22 7.86
C ARG A 385 0.98 11.15 8.90
N THR A 386 0.86 9.90 8.50
CA THR A 386 1.12 8.78 9.40
C THR A 386 2.55 8.72 9.83
N PHE A 387 3.43 8.85 8.86
CA PHE A 387 4.87 8.86 9.23
C PHE A 387 5.18 10.03 10.15
N ALA A 388 4.62 11.18 9.84
CA ALA A 388 4.78 12.37 10.73
C ALA A 388 4.26 12.15 12.11
N ALA A 389 3.02 11.59 12.24
CA ALA A 389 2.43 11.33 13.53
C ALA A 389 3.27 10.37 14.37
N PHE A 390 3.75 9.28 13.76
CA PHE A 390 4.56 8.33 14.48
C PHE A 390 5.77 9.06 15.08
N ARG A 391 6.48 9.77 14.24
CA ARG A 391 7.54 10.62 14.73
C ARG A 391 7.13 11.58 15.80
N ALA A 392 6.05 12.28 15.60
CA ALA A 392 5.63 13.20 16.65
C ALA A 392 5.28 12.50 17.96
N HIS A 393 4.83 11.24 17.90
CA HIS A 393 4.40 10.55 19.11
C HIS A 393 5.53 9.86 19.87
N GLN A 394 6.50 9.30 19.16
CA GLN A 394 7.56 8.59 19.74
C GLN A 394 8.75 9.52 20.06
N PRO A 395 9.18 9.60 21.33
CA PRO A 395 10.26 10.60 21.60
C PRO A 395 11.64 10.27 20.99
N ALA A 396 11.97 8.99 20.95
CA ALA A 396 13.14 8.45 20.25
C ALA A 396 13.18 8.82 18.74
N MET A 397 12.01 8.99 18.13
CA MET A 397 12.03 9.47 16.71
C MET A 397 12.51 10.95 16.52
N ARG A 398 12.51 11.69 17.63
CA ARG A 398 13.00 13.08 17.63
C ARG A 398 14.41 13.19 18.20
N ARG A 399 14.70 12.61 19.38
CA ARG A 399 16.01 12.66 19.99
C ARG A 399 16.81 11.39 20.05
N GLY A 400 16.37 10.31 19.44
CA GLY A 400 17.06 9.04 19.57
C GLY A 400 18.23 9.02 18.63
N ARG A 401 19.29 8.29 19.01
CA ARG A 401 20.51 8.02 18.21
C ARG A 401 20.06 7.32 16.97
N GLN A 402 20.70 7.55 15.84
CA GLN A 402 20.33 6.91 14.59
C GLN A 402 21.34 5.85 14.21
N THR A 403 20.82 4.69 13.85
CA THR A 403 21.54 3.59 13.21
C THR A 403 20.77 2.99 12.05
N ALA A 404 21.43 2.87 10.91
CA ALA A 404 20.82 2.25 9.76
C ALA A 404 21.39 0.85 9.61
N VAL A 405 20.57 -0.16 9.28
CA VAL A 405 21.06 -1.53 9.06
C VAL A 405 20.32 -2.12 7.89
N ALA A 406 21.06 -2.68 6.93
CA ALA A 406 20.48 -3.36 5.81
C ALA A 406 20.16 -4.77 6.29
N LEU A 407 18.98 -5.27 5.93
CA LEU A 407 18.52 -6.61 6.28
C LEU A 407 18.70 -7.55 5.09
N ASP A 408 18.79 -7.00 3.89
CA ASP A 408 18.55 -7.62 2.59
C ASP A 408 18.99 -6.60 1.54
N ALA A 409 19.21 -6.99 0.29
CA ALA A 409 19.47 -5.98 -0.79
C ALA A 409 18.37 -4.89 -0.91
N ASP A 410 17.12 -5.27 -0.51
CA ASP A 410 15.96 -4.43 -0.70
C ASP A 410 15.30 -3.94 0.58
N THR A 411 15.93 -4.13 1.72
CA THR A 411 15.22 -3.93 2.99
C THR A 411 16.20 -3.25 3.92
N ILE A 412 15.74 -2.17 4.55
CA ILE A 412 16.55 -1.40 5.46
C ILE A 412 15.78 -1.09 6.73
N ALA A 413 16.44 -1.17 7.88
CA ALA A 413 15.89 -0.71 9.15
C ALA A 413 16.62 0.55 9.65
N ILE A 414 15.90 1.58 10.05
CA ILE A 414 16.46 2.79 10.61
C ILE A 414 15.99 2.74 12.01
N VAL A 415 16.95 2.50 12.93
CA VAL A 415 16.67 2.34 14.34
C VAL A 415 17.02 3.64 15.05
N ARG A 416 16.09 4.15 15.84
CA ARG A 416 16.28 5.35 16.63
C ARG A 416 16.21 4.93 18.14
N SER A 417 17.24 5.24 18.91
CA SER A 417 17.38 4.75 20.32
C SER A 417 17.29 5.86 21.34
N GLY A 418 16.17 5.88 22.07
CA GLY A 418 15.88 6.88 23.13
C GLY A 418 16.41 6.38 24.49
N GLY A 419 16.15 7.13 25.57
CA GLY A 419 16.61 6.72 26.90
C GLY A 419 15.82 5.55 27.47
N ASP A 420 14.48 5.65 27.35
CA ASP A 420 13.56 4.61 27.86
C ASP A 420 12.81 3.82 26.76
N GLU A 421 13.22 3.95 25.49
CA GLU A 421 12.42 3.42 24.35
C GLU A 421 13.21 3.41 23.03
N ARG A 422 13.01 2.38 22.20
CA ARG A 422 13.63 2.25 20.86
C ARG A 422 12.54 2.14 19.77
N ALA A 423 12.78 2.72 18.62
CA ALA A 423 11.82 2.70 17.50
C ALA A 423 12.53 2.19 16.29
N ALA A 424 11.84 1.50 15.38
CA ALA A 424 12.40 1.20 14.07
C ALA A 424 11.42 1.53 12.96
N VAL A 425 11.90 2.02 11.87
CA VAL A 425 11.11 2.19 10.61
C VAL A 425 11.76 1.24 9.64
N ILE A 426 11.04 0.23 9.17
CA ILE A 426 11.61 -0.75 8.22
C ILE A 426 11.05 -0.49 6.80
N VAL A 427 11.89 -0.39 5.80
CA VAL A 427 11.44 0.06 4.43
C VAL A 427 11.86 -0.99 3.48
N HIS A 428 10.93 -1.48 2.66
CA HIS A 428 11.24 -2.58 1.75
C HIS A 428 10.86 -2.19 0.33
N ARG A 429 11.75 -2.31 -0.59
CA ARG A 429 11.42 -1.90 -1.96
C ARG A 429 11.14 -3.10 -2.87
N GLY A 430 11.23 -4.32 -2.32
CA GLY A 430 10.92 -5.54 -3.06
C GLY A 430 9.45 -5.95 -3.12
N GLU A 431 9.21 -7.20 -3.48
CA GLU A 431 7.82 -7.74 -3.67
C GLU A 431 7.18 -8.41 -2.39
N GLY A 432 7.95 -8.45 -1.31
CA GLY A 432 7.43 -8.67 0.06
C GLY A 432 8.44 -9.52 0.82
N THR A 433 8.50 -9.41 2.12
CA THR A 433 9.52 -10.16 2.88
C THR A 433 9.12 -10.29 4.31
N THR A 434 9.95 -11.01 5.07
CA THR A 434 9.77 -11.18 6.50
C THR A 434 11.05 -10.75 7.19
N VAL A 435 10.89 -9.97 8.25
CA VAL A 435 11.99 -9.46 9.03
C VAL A 435 11.99 -10.09 10.43
N ASP A 436 13.06 -10.78 10.75
CA ASP A 436 13.33 -11.26 12.12
C ASP A 436 13.93 -10.10 12.93
N THR A 437 13.15 -9.56 13.82
CA THR A 437 13.56 -8.42 14.61
C THR A 437 14.78 -8.71 15.58
N ALA A 438 15.06 -10.00 15.86
CA ALA A 438 16.23 -10.40 16.69
C ALA A 438 17.56 -10.15 15.95
N SER A 439 17.50 -10.13 14.61
CA SER A 439 18.66 -9.81 13.77
C SER A 439 19.01 -8.31 13.63
N ILE A 440 18.20 -7.38 14.12
CA ILE A 440 18.54 -5.93 14.12
C ILE A 440 19.03 -5.67 15.54
N PRO A 441 20.33 -5.90 15.81
CA PRO A 441 20.81 -6.05 17.21
C PRO A 441 20.70 -4.74 18.02
N GLU A 442 20.62 -3.63 17.28
CA GLU A 442 20.30 -2.30 17.77
C GLU A 442 18.89 -2.27 18.41
N LEU A 443 18.01 -3.08 17.83
CA LEU A 443 16.64 -3.32 18.31
C LEU A 443 16.47 -4.59 19.17
N ALA A 444 17.27 -5.62 18.88
CA ALA A 444 17.07 -6.98 19.40
C ALA A 444 17.26 -7.32 20.90
N PRO A 445 17.80 -6.42 21.74
CA PRO A 445 17.72 -6.76 23.19
C PRO A 445 16.35 -6.54 23.90
N LEU A 446 15.32 -5.99 23.25
CA LEU A 446 13.92 -6.15 23.73
C LEU A 446 12.92 -6.30 22.58
N ASP A 447 13.24 -7.16 21.61
CA ASP A 447 12.35 -7.47 20.48
C ASP A 447 12.85 -8.73 19.71
N ALA A 448 12.13 -9.84 19.84
CA ALA A 448 12.33 -11.03 18.95
C ALA A 448 11.09 -11.36 18.05
N ASP A 449 10.22 -10.38 17.81
CA ASP A 449 9.05 -10.57 16.96
C ASP A 449 9.51 -10.74 15.49
N THR A 450 8.76 -11.43 14.65
CA THR A 450 8.98 -11.35 13.24
C THR A 450 7.91 -10.40 12.71
N VAL A 451 8.21 -9.70 11.63
CA VAL A 451 7.32 -8.69 11.14
C VAL A 451 7.32 -8.88 9.66
N VAL A 452 6.18 -8.78 9.06
CA VAL A 452 6.01 -9.00 7.61
C VAL A 452 5.99 -7.65 6.88
N LEU A 453 6.58 -7.61 5.72
CA LEU A 453 6.46 -6.43 4.92
C LEU A 453 5.89 -6.83 3.59
N GLY A 454 4.93 -6.06 3.10
CA GLY A 454 4.34 -6.30 1.76
C GLY A 454 5.21 -5.72 0.66
N PRO A 455 4.84 -5.95 -0.61
CA PRO A 455 5.52 -5.32 -1.72
C PRO A 455 5.52 -3.81 -1.52
N LEU A 456 6.73 -3.22 -1.59
CA LEU A 456 6.92 -1.80 -1.34
C LEU A 456 6.27 -1.40 -0.02
N GLY A 457 6.43 -2.25 0.99
CA GLY A 457 5.81 -2.04 2.28
C GLY A 457 6.73 -1.37 3.27
N THR A 458 6.13 -0.72 4.26
CA THR A 458 6.92 -0.31 5.41
C THR A 458 6.34 -0.85 6.68
N ALA A 459 7.13 -0.86 7.75
CA ALA A 459 6.56 -1.13 9.08
C ALA A 459 7.21 -0.20 10.07
N SER A 460 6.42 0.32 11.00
CA SER A 460 6.96 1.23 12.02
C SER A 460 6.59 0.69 13.38
N LEU A 461 7.57 0.49 14.26
CA LEU A 461 7.30 -0.15 15.57
C LEU A 461 8.06 0.58 16.66
N ALA A 462 7.64 0.43 17.90
CA ALA A 462 8.39 1.00 19.03
C ALA A 462 8.29 0.02 20.15
N THR A 463 9.27 0.05 21.04
CA THR A 463 9.24 -0.82 22.18
C THR A 463 9.90 -0.14 23.39
N ALA A 464 9.20 -0.10 24.52
CA ALA A 464 9.75 0.37 25.80
C ALA A 464 11.04 -0.34 26.22
N VAL B 22 -16.44 -38.22 13.57
CA VAL B 22 -14.98 -37.92 13.32
C VAL B 22 -14.83 -36.48 12.77
N THR B 23 -13.65 -35.93 12.93
CA THR B 23 -13.33 -34.54 12.58
C THR B 23 -12.64 -34.34 11.19
N ALA B 24 -12.39 -33.07 10.85
CA ALA B 24 -11.78 -32.72 9.57
C ALA B 24 -10.35 -33.31 9.50
N PRO B 25 -9.93 -33.74 8.32
CA PRO B 25 -8.53 -34.22 8.25
C PRO B 25 -7.51 -33.11 8.65
N ASP B 26 -6.46 -33.54 9.35
CA ASP B 26 -5.44 -32.66 9.85
C ASP B 26 -4.83 -31.76 8.74
N TRP B 27 -4.62 -32.33 7.56
CA TRP B 27 -3.96 -31.57 6.48
C TRP B 27 -4.68 -30.29 6.08
N LEU B 28 -5.98 -30.22 6.31
CA LEU B 28 -6.74 -28.98 6.01
C LEU B 28 -6.12 -27.77 6.69
N ALA B 29 -5.51 -27.96 7.84
CA ALA B 29 -4.99 -26.82 8.55
C ALA B 29 -3.85 -26.12 7.79
N ASP B 30 -3.14 -26.88 6.96
CA ASP B 30 -2.05 -26.36 6.16
C ASP B 30 -2.46 -26.06 4.71
N ALA B 31 -3.71 -26.18 4.37
CA ALA B 31 -4.12 -26.05 2.94
C ALA B 31 -4.37 -24.64 2.60
N VAL B 32 -4.19 -24.36 1.34
CA VAL B 32 -4.58 -23.11 0.77
C VAL B 32 -5.08 -23.49 -0.61
N PHE B 33 -6.28 -23.08 -0.87
CA PHE B 33 -7.00 -23.56 -2.00
C PHE B 33 -6.97 -22.52 -3.13
N TYR B 34 -7.08 -23.00 -4.33
CA TYR B 34 -7.25 -22.16 -5.55
C TYR B 34 -8.39 -22.72 -6.35
N GLN B 35 -9.43 -21.90 -6.53
CA GLN B 35 -10.65 -22.38 -7.20
C GLN B 35 -10.57 -22.05 -8.72
N ILE B 36 -10.74 -23.11 -9.52
CA ILE B 36 -10.67 -23.04 -10.97
C ILE B 36 -12.01 -23.51 -11.60
N PHE B 37 -12.49 -22.67 -12.51
CA PHE B 37 -13.65 -22.92 -13.37
C PHE B 37 -13.02 -23.30 -14.69
N PRO B 38 -12.96 -24.62 -14.97
CA PRO B 38 -11.97 -25.05 -15.95
C PRO B 38 -12.24 -24.64 -17.39
N GLU B 39 -13.45 -24.24 -17.71
CA GLU B 39 -13.68 -23.66 -19.05
C GLU B 39 -12.84 -22.43 -19.30
N ARG B 40 -12.37 -21.76 -18.25
CA ARG B 40 -11.83 -20.40 -18.35
C ARG B 40 -10.41 -20.18 -17.85
N PHE B 41 -9.69 -21.26 -17.46
CA PHE B 41 -8.38 -21.09 -16.87
C PHE B 41 -7.24 -20.93 -17.90
N ALA B 42 -7.05 -21.92 -18.75
CA ALA B 42 -5.98 -21.88 -19.75
C ALA B 42 -6.32 -22.86 -20.82
N ASN B 43 -6.16 -22.41 -22.05
CA ASN B 43 -6.49 -23.18 -23.24
C ASN B 43 -5.16 -23.63 -23.80
N ALA B 44 -4.73 -24.81 -23.40
CA ALA B 44 -3.47 -25.40 -23.89
C ALA B 44 -3.60 -26.21 -25.18
N ASP B 45 -4.78 -26.77 -25.46
CA ASP B 45 -4.98 -27.71 -26.56
C ASP B 45 -6.18 -27.26 -27.41
N PRO B 46 -5.95 -26.41 -28.42
CA PRO B 46 -7.14 -26.02 -29.22
C PRO B 46 -7.67 -27.02 -30.20
N SER B 47 -7.11 -28.22 -30.33
CA SER B 47 -7.81 -29.29 -31.00
C SER B 47 -9.03 -29.75 -30.20
N LEU B 48 -9.11 -29.44 -28.89
CA LEU B 48 -10.23 -29.84 -28.07
C LEU B 48 -11.31 -28.77 -28.15
N ASP B 49 -11.00 -27.61 -28.74
CA ASP B 49 -11.98 -26.51 -28.82
C ASP B 49 -13.25 -26.86 -29.64
N PRO B 50 -14.43 -26.46 -29.18
CA PRO B 50 -15.56 -26.68 -30.09
C PRO B 50 -15.57 -25.71 -31.27
N GLN B 51 -16.39 -26.05 -32.25
CA GLN B 51 -16.59 -25.27 -33.49
C GLN B 51 -16.70 -23.76 -33.27
N ASN B 52 -17.48 -23.32 -32.29
CA ASN B 52 -17.73 -21.86 -32.14
C ASN B 52 -17.12 -21.26 -30.91
N VAL B 53 -15.94 -21.76 -30.56
CA VAL B 53 -15.12 -21.19 -29.49
C VAL B 53 -14.96 -19.72 -29.74
N VAL B 54 -15.14 -18.91 -28.71
CA VAL B 54 -14.92 -17.46 -28.83
C VAL B 54 -13.44 -17.05 -28.52
N PRO B 55 -13.04 -15.80 -28.90
CA PRO B 55 -11.71 -15.31 -28.52
C PRO B 55 -11.52 -15.27 -26.99
N TRP B 56 -10.32 -15.53 -26.51
CA TRP B 56 -10.06 -15.74 -25.11
C TRP B 56 -10.37 -14.51 -24.25
N GLY B 57 -10.29 -13.32 -24.83
CA GLY B 57 -10.64 -12.12 -24.03
C GLY B 57 -12.11 -11.78 -23.97
N SER B 58 -12.94 -12.61 -24.60
CA SER B 58 -14.37 -12.32 -24.78
C SER B 58 -15.17 -12.15 -23.50
N THR B 59 -16.26 -11.44 -23.64
CA THR B 59 -17.16 -11.28 -22.49
C THR B 59 -17.90 -12.65 -22.22
N PRO B 60 -17.78 -13.20 -20.98
CA PRO B 60 -18.40 -14.49 -20.68
C PRO B 60 -19.95 -14.38 -20.71
N THR B 61 -20.62 -15.43 -21.19
CA THR B 61 -22.11 -15.46 -21.27
C THR B 61 -22.59 -16.85 -20.79
N PRO B 62 -23.90 -17.03 -20.59
CA PRO B 62 -24.34 -18.31 -20.10
C PRO B 62 -24.15 -19.48 -21.11
N ASP B 63 -23.89 -19.14 -22.38
CA ASP B 63 -23.81 -20.09 -23.52
C ASP B 63 -22.45 -20.26 -24.18
N ASN B 64 -21.52 -19.33 -24.05
CA ASN B 64 -20.26 -19.41 -24.85
C ASN B 64 -19.15 -20.29 -24.27
N PHE B 65 -18.27 -20.80 -25.14
CA PHE B 65 -17.14 -21.66 -24.80
C PHE B 65 -15.83 -20.98 -25.24
N PHE B 66 -14.88 -20.98 -24.32
CA PHE B 66 -13.57 -20.43 -24.53
C PHE B 66 -12.46 -21.43 -24.81
N GLY B 67 -12.66 -22.71 -24.49
CA GLY B 67 -11.66 -23.72 -24.73
C GLY B 67 -10.75 -24.00 -23.56
N GLY B 68 -10.97 -23.49 -22.37
CA GLY B 68 -10.12 -23.93 -21.21
C GLY B 68 -10.02 -25.41 -21.18
N ASP B 69 -8.89 -25.95 -20.82
CA ASP B 69 -8.77 -27.40 -20.78
C ASP B 69 -7.93 -27.86 -19.56
N LEU B 70 -7.87 -29.16 -19.37
CA LEU B 70 -6.99 -29.70 -18.27
C LEU B 70 -5.50 -29.54 -18.50
N GLN B 71 -5.07 -29.68 -19.75
CA GLN B 71 -3.64 -29.42 -20.11
C GLN B 71 -3.26 -27.98 -19.74
N GLY B 72 -4.19 -27.04 -19.90
CA GLY B 72 -3.96 -25.66 -19.46
C GLY B 72 -3.76 -25.59 -17.96
N ILE B 73 -4.53 -26.37 -17.19
CA ILE B 73 -4.27 -26.39 -15.74
C ILE B 73 -2.80 -26.86 -15.49
N ILE B 74 -2.49 -28.01 -16.07
CA ILE B 74 -1.17 -28.62 -15.90
C ILE B 74 -0.07 -27.60 -16.22
N ASP B 75 -0.21 -26.94 -17.36
CA ASP B 75 0.74 -25.99 -17.84
C ASP B 75 0.89 -24.78 -16.91
N HIS B 76 -0.08 -24.51 -16.07
CA HIS B 76 0.02 -23.34 -15.20
C HIS B 76 0.14 -23.58 -13.69
N LEU B 77 0.52 -24.78 -13.34
CA LEU B 77 0.72 -25.16 -11.95
C LEU B 77 1.73 -24.25 -11.25
N ASP B 78 2.77 -23.83 -11.97
CA ASP B 78 3.75 -22.88 -11.40
C ASP B 78 3.11 -21.61 -10.88
N HIS B 79 2.19 -21.04 -11.65
CA HIS B 79 1.48 -19.84 -11.17
C HIS B 79 0.75 -20.11 -9.83
N ILE B 80 0.13 -21.27 -9.75
CA ILE B 80 -0.68 -21.64 -8.59
C ILE B 80 0.20 -21.86 -7.35
N VAL B 81 1.29 -22.56 -7.56
CA VAL B 81 2.26 -22.82 -6.46
C VAL B 81 2.93 -21.51 -6.06
N ALA B 82 3.25 -20.68 -7.06
CA ALA B 82 3.88 -19.35 -6.73
C ALA B 82 2.89 -18.44 -5.99
N LEU B 83 1.60 -18.64 -6.21
CA LEU B 83 0.60 -17.93 -5.41
C LEU B 83 0.64 -18.34 -3.93
N GLY B 84 0.94 -19.59 -3.67
CA GLY B 84 1.10 -20.10 -2.31
C GLY B 84 0.03 -21.14 -2.12
N ALA B 85 -0.68 -21.60 -3.18
CA ALA B 85 -1.76 -22.58 -2.98
C ALA B 85 -1.19 -23.96 -3.17
N ASN B 86 -1.74 -24.88 -2.37
CA ASN B 86 -1.34 -26.29 -2.41
C ASN B 86 -2.57 -27.21 -2.59
N ALA B 87 -3.74 -26.63 -2.91
CA ALA B 87 -4.91 -27.47 -3.17
C ALA B 87 -5.81 -26.79 -4.22
N LEU B 88 -6.32 -27.59 -5.15
CA LEU B 88 -7.32 -27.06 -6.13
C LEU B 88 -8.79 -27.47 -5.80
N TYR B 89 -9.74 -26.54 -6.01
CA TYR B 89 -11.14 -26.89 -6.07
C TYR B 89 -11.58 -26.61 -7.53
N LEU B 90 -11.95 -27.66 -8.25
CA LEU B 90 -12.46 -27.59 -9.60
C LEU B 90 -13.98 -27.70 -9.61
N THR B 91 -14.63 -26.80 -10.36
CA THR B 91 -15.99 -26.86 -10.58
C THR B 91 -16.19 -28.08 -11.52
N PRO B 92 -17.44 -28.40 -11.92
CA PRO B 92 -17.57 -29.72 -12.57
C PRO B 92 -16.74 -29.97 -13.85
N ILE B 93 -16.18 -31.19 -13.96
CA ILE B 93 -15.41 -31.56 -15.15
C ILE B 93 -15.88 -32.76 -15.98
N PHE B 94 -17.07 -33.29 -15.66
CA PHE B 94 -17.58 -34.44 -16.38
C PHE B 94 -18.38 -34.02 -17.62
N GLU B 95 -18.49 -34.93 -18.57
CA GLU B 95 -19.20 -34.66 -19.80
C GLU B 95 -20.54 -34.03 -19.54
N ALA B 96 -20.80 -32.93 -20.25
CA ALA B 96 -21.97 -32.08 -20.00
C ALA B 96 -22.28 -31.22 -21.24
N ASP B 97 -23.39 -30.49 -21.24
CA ASP B 97 -23.76 -29.66 -22.41
C ASP B 97 -23.56 -28.15 -22.22
N THR B 98 -23.21 -27.71 -21.03
CA THR B 98 -23.09 -26.28 -20.77
C THR B 98 -21.62 -25.89 -20.50
N ASN B 99 -21.36 -24.60 -20.33
CA ASN B 99 -20.01 -24.17 -20.11
C ASN B 99 -19.65 -24.35 -18.60
N HIS B 100 -20.65 -24.52 -17.73
CA HIS B 100 -20.45 -24.66 -16.29
C HIS B 100 -20.45 -26.11 -15.84
N ARG B 101 -21.03 -26.95 -16.68
CA ARG B 101 -21.00 -28.41 -16.52
C ARG B 101 -21.74 -28.99 -15.28
N TYR B 102 -22.64 -28.22 -14.69
CA TYR B 102 -23.57 -28.71 -13.70
C TYR B 102 -24.64 -29.62 -14.27
N ASP B 103 -24.76 -29.71 -15.60
CA ASP B 103 -25.76 -30.57 -16.25
C ASP B 103 -25.11 -31.83 -16.77
N ALA B 104 -24.54 -32.62 -15.88
CA ALA B 104 -23.70 -33.72 -16.33
C ALA B 104 -24.46 -34.75 -17.14
N LYS B 105 -23.82 -35.35 -18.12
CA LYS B 105 -24.46 -36.40 -18.94
C LYS B 105 -23.83 -37.75 -18.85
N ASP B 106 -22.67 -37.79 -18.21
CA ASP B 106 -21.99 -39.02 -17.99
C ASP B 106 -21.00 -38.78 -16.84
N TYR B 107 -21.30 -39.27 -15.64
CA TYR B 107 -20.43 -38.97 -14.46
C TYR B 107 -19.14 -39.73 -14.42
N PHE B 108 -18.95 -40.65 -15.35
CA PHE B 108 -17.71 -41.43 -15.40
C PHE B 108 -16.74 -41.02 -16.52
N SER B 109 -16.94 -39.85 -17.12
CA SER B 109 -16.13 -39.35 -18.23
C SER B 109 -15.81 -37.87 -18.05
N ILE B 110 -14.54 -37.50 -18.26
CA ILE B 110 -14.11 -36.11 -18.31
C ILE B 110 -14.79 -35.52 -19.58
N ASP B 111 -15.23 -34.28 -19.49
CA ASP B 111 -15.87 -33.70 -20.63
C ASP B 111 -14.89 -33.69 -21.80
N HIS B 112 -15.42 -34.02 -23.00
CA HIS B 112 -14.53 -34.14 -24.17
C HIS B 112 -13.74 -32.86 -24.53
N ARG B 113 -14.24 -31.68 -24.14
CA ARG B 113 -13.54 -30.48 -24.42
C ARG B 113 -12.47 -30.18 -23.42
N LEU B 114 -12.43 -30.87 -22.29
CA LEU B 114 -11.40 -30.66 -21.28
C LEU B 114 -10.19 -31.54 -21.50
N GLY B 115 -10.43 -32.73 -22.03
CA GLY B 115 -9.40 -33.68 -22.37
C GLY B 115 -9.87 -35.08 -22.14
N THR B 116 -8.95 -35.98 -21.95
CA THR B 116 -9.20 -37.36 -21.77
C THR B 116 -8.86 -37.76 -20.31
N LEU B 117 -9.31 -38.95 -19.93
CA LEU B 117 -8.89 -39.59 -18.70
C LEU B 117 -7.35 -39.59 -18.51
N GLU B 118 -6.62 -39.85 -19.57
CA GLU B 118 -5.12 -39.81 -19.50
C GLU B 118 -4.65 -38.43 -19.05
N THR B 119 -5.14 -37.37 -19.69
CA THR B 119 -4.76 -36.00 -19.28
C THR B 119 -5.08 -35.73 -17.82
N PHE B 120 -6.23 -36.24 -17.36
CA PHE B 120 -6.66 -36.12 -15.98
C PHE B 120 -5.65 -36.81 -15.06
N HIS B 121 -5.26 -38.02 -15.44
CA HIS B 121 -4.24 -38.79 -14.76
C HIS B 121 -2.94 -37.98 -14.70
N ALA B 122 -2.57 -37.39 -15.81
CA ALA B 122 -1.37 -36.56 -15.89
C ALA B 122 -1.47 -35.36 -14.93
N LEU B 123 -2.66 -34.77 -14.79
CA LEU B 123 -2.79 -33.62 -13.88
C LEU B 123 -2.62 -34.12 -12.44
N MET B 124 -3.16 -35.27 -12.16
CA MET B 124 -3.17 -35.77 -10.77
C MET B 124 -1.76 -36.14 -10.41
N ALA B 125 -1.08 -36.83 -11.31
CA ALA B 125 0.38 -37.09 -11.09
C ALA B 125 1.26 -35.85 -10.91
N GLU B 126 1.12 -34.87 -11.78
CA GLU B 126 1.91 -33.61 -11.69
C GLU B 126 1.55 -32.96 -10.36
N CYS B 127 0.26 -33.00 -9.98
CA CYS B 127 -0.13 -32.42 -8.70
C CYS B 127 0.55 -33.16 -7.54
N ARG B 128 0.60 -34.49 -7.61
CA ARG B 128 1.16 -35.28 -6.48
C ARG B 128 2.63 -34.99 -6.30
N ALA B 129 3.31 -34.93 -7.42
CA ALA B 129 4.73 -34.53 -7.49
C ALA B 129 5.03 -33.17 -6.86
N ARG B 130 4.09 -32.25 -6.98
CA ARG B 130 4.21 -30.90 -6.43
C ARG B 130 3.60 -30.70 -5.05
N GLY B 131 2.99 -31.76 -4.50
CA GLY B 131 2.32 -31.73 -3.21
C GLY B 131 1.02 -30.98 -3.25
N ILE B 132 0.36 -30.96 -4.42
CA ILE B 132 -0.92 -30.30 -4.63
C ILE B 132 -2.09 -31.30 -4.51
N ARG B 133 -3.12 -30.95 -3.76
CA ARG B 133 -4.30 -31.85 -3.67
C ARG B 133 -5.43 -31.36 -4.56
N ILE B 134 -6.40 -32.25 -4.89
CA ILE B 134 -7.46 -31.97 -5.88
C ILE B 134 -8.79 -32.38 -5.25
N VAL B 135 -9.68 -31.41 -5.20
CA VAL B 135 -11.07 -31.58 -4.80
C VAL B 135 -11.96 -31.29 -6.00
N LEU B 136 -12.84 -32.24 -6.35
CA LEU B 136 -13.82 -32.07 -7.43
C LEU B 136 -15.22 -31.75 -6.91
N ASP B 137 -16.09 -31.32 -7.85
CA ASP B 137 -17.43 -30.88 -7.55
C ASP B 137 -18.33 -32.11 -7.74
N ALA B 138 -19.04 -32.48 -6.69
CA ALA B 138 -20.04 -33.59 -6.65
C ALA B 138 -21.44 -33.03 -6.82
N VAL B 139 -21.96 -33.22 -8.03
CA VAL B 139 -23.25 -32.73 -8.46
C VAL B 139 -24.26 -33.92 -8.44
N LEU B 140 -24.71 -34.21 -7.24
CA LEU B 140 -25.53 -35.38 -6.94
C LEU B 140 -27.05 -35.20 -6.83
N ASN B 141 -27.48 -33.96 -6.63
CA ASN B 141 -28.87 -33.67 -6.55
C ASN B 141 -29.56 -33.74 -7.94
N HIS B 142 -28.83 -33.44 -9.00
CA HIS B 142 -29.38 -33.38 -10.35
C HIS B 142 -28.36 -33.68 -11.45
N CYS B 143 -28.83 -34.05 -12.64
CA CYS B 143 -27.95 -34.20 -13.78
C CYS B 143 -28.55 -33.36 -14.88
N GLY B 144 -27.97 -33.46 -16.07
CA GLY B 144 -28.50 -32.72 -17.20
C GLY B 144 -29.55 -33.46 -17.96
N ASP B 145 -30.36 -32.73 -18.73
CA ASP B 145 -31.34 -33.44 -19.54
C ASP B 145 -30.74 -34.24 -20.65
N GLY B 146 -29.46 -34.10 -20.87
CA GLY B 146 -28.79 -34.90 -21.85
C GLY B 146 -28.27 -36.22 -21.32
N HIS B 147 -28.37 -36.45 -20.01
CA HIS B 147 -27.87 -37.69 -19.43
C HIS B 147 -28.55 -38.91 -20.05
N TRP B 148 -27.82 -39.97 -20.27
CA TRP B 148 -28.36 -41.18 -20.89
C TRP B 148 -29.61 -41.78 -20.24
N ALA B 149 -29.59 -41.80 -18.91
CA ALA B 149 -30.71 -42.26 -18.10
C ALA B 149 -31.94 -41.40 -18.37
N PHE B 150 -31.77 -40.09 -18.35
CA PHE B 150 -32.87 -39.19 -18.57
C PHE B 150 -33.41 -39.25 -20.05
N ALA B 151 -32.51 -39.24 -21.02
CA ALA B 151 -32.86 -39.45 -22.41
C ALA B 151 -33.62 -40.79 -22.60
N ASP B 152 -33.26 -41.81 -21.84
CA ASP B 152 -33.92 -43.14 -21.96
C ASP B 152 -35.37 -43.05 -21.43
N VAL B 153 -35.55 -42.24 -20.38
CA VAL B 153 -36.89 -42.03 -19.82
C VAL B 153 -37.77 -41.22 -20.83
N VAL B 154 -37.22 -40.18 -21.43
CA VAL B 154 -37.95 -39.40 -22.46
C VAL B 154 -38.41 -40.29 -23.59
N GLU B 155 -37.56 -41.23 -24.00
CA GLU B 155 -37.84 -42.10 -25.16
C GLU B 155 -38.68 -43.31 -24.80
N ASN B 156 -38.32 -44.01 -23.74
CA ASN B 156 -38.98 -45.24 -23.38
C ASN B 156 -40.03 -45.12 -22.29
N GLU B 157 -40.09 -43.95 -21.61
CA GLU B 157 -41.20 -43.61 -20.70
C GLU B 157 -41.34 -44.66 -19.60
N ALA B 158 -42.54 -45.21 -19.35
CA ALA B 158 -42.75 -46.14 -18.27
C ALA B 158 -42.05 -47.47 -18.47
N ASP B 159 -41.73 -47.79 -19.71
CA ASP B 159 -40.89 -48.98 -20.03
C ASP B 159 -39.36 -48.77 -19.86
N SER B 160 -38.90 -47.54 -19.60
CA SER B 160 -37.46 -47.31 -19.33
C SER B 160 -37.04 -47.94 -18.00
N ALA B 161 -35.90 -48.59 -18.01
CA ALA B 161 -35.35 -49.12 -16.81
C ALA B 161 -35.01 -48.01 -15.80
N TYR B 162 -34.96 -46.75 -16.27
CA TYR B 162 -34.48 -45.60 -15.46
C TYR B 162 -35.58 -44.71 -15.00
N VAL B 163 -36.83 -45.16 -15.17
CA VAL B 163 -37.98 -44.27 -14.90
C VAL B 163 -37.94 -43.74 -13.46
N ASN B 164 -37.58 -44.59 -12.53
CA ASN B 164 -37.56 -44.18 -11.15
C ASN B 164 -36.24 -43.73 -10.62
N TRP B 165 -35.25 -43.53 -11.54
CA TRP B 165 -34.06 -42.75 -11.19
C TRP B 165 -34.36 -41.23 -11.14
N PHE B 166 -35.52 -40.84 -11.65
CA PHE B 166 -36.02 -39.48 -11.65
C PHE B 166 -37.44 -39.43 -11.03
N SER B 167 -38.00 -38.21 -10.93
CA SER B 167 -39.36 -37.96 -10.41
C SER B 167 -40.17 -37.32 -11.55
N VAL B 168 -40.59 -38.17 -12.47
CA VAL B 168 -41.43 -37.74 -13.63
C VAL B 168 -42.96 -38.00 -13.28
N GLU B 169 -43.72 -36.91 -13.34
CA GLU B 169 -45.08 -36.88 -12.97
C GLU B 169 -45.92 -37.81 -13.86
N GLY B 170 -45.49 -37.89 -15.12
CA GLY B 170 -46.23 -38.60 -16.11
C GLY B 170 -45.74 -38.33 -17.50
N PHE B 171 -46.39 -38.96 -18.49
CA PHE B 171 -45.88 -39.00 -19.84
C PHE B 171 -46.86 -38.40 -20.81
N PRO B 172 -46.40 -37.76 -21.88
CA PRO B 172 -44.96 -37.68 -22.27
C PRO B 172 -44.21 -36.64 -21.41
N VAL B 173 -42.87 -36.78 -21.26
CA VAL B 173 -42.12 -35.79 -20.47
C VAL B 173 -42.14 -34.46 -21.20
N THR B 174 -42.42 -33.39 -20.46
CA THR B 174 -42.52 -32.08 -21.05
C THR B 174 -41.79 -31.02 -20.25
N ALA B 175 -41.29 -30.04 -20.98
CA ALA B 175 -40.74 -28.87 -20.36
C ALA B 175 -41.51 -27.61 -20.77
N HIS B 176 -42.25 -27.68 -21.89
CA HIS B 176 -43.01 -26.60 -22.67
C HIS B 176 -43.85 -25.54 -21.98
N PRO B 177 -44.29 -25.83 -20.80
CA PRO B 177 -44.90 -24.77 -20.02
C PRO B 177 -43.89 -24.67 -18.90
N THR B 178 -43.96 -25.63 -18.02
CA THR B 178 -43.07 -25.84 -16.90
C THR B 178 -42.74 -27.33 -16.90
N PRO B 179 -41.59 -27.71 -16.30
CA PRO B 179 -41.26 -29.15 -16.34
C PRO B 179 -42.32 -30.02 -15.66
N ASN B 180 -42.62 -31.20 -16.20
CA ASN B 180 -43.50 -32.09 -15.49
C ASN B 180 -42.69 -33.16 -14.72
N TYR B 181 -41.56 -32.73 -14.18
CA TYR B 181 -40.65 -33.58 -13.45
C TYR B 181 -39.86 -32.71 -12.50
N ARG B 182 -39.34 -33.33 -11.40
CA ARG B 182 -38.60 -32.57 -10.40
C ARG B 182 -37.25 -32.09 -11.00
N THR B 183 -36.83 -30.88 -10.65
CA THR B 183 -35.59 -30.31 -11.16
C THR B 183 -34.79 -29.56 -10.11
N CYS B 184 -33.56 -29.09 -10.43
CA CYS B 184 -32.92 -28.06 -9.62
C CYS B 184 -33.61 -26.74 -9.83
N SER B 185 -34.36 -26.27 -8.83
CA SER B 185 -34.96 -24.95 -8.79
C SER B 185 -35.74 -24.54 -10.04
N GLY B 186 -36.47 -25.48 -10.61
CA GLY B 186 -37.35 -25.21 -11.72
C GLY B 186 -36.61 -25.14 -13.01
N CYS B 187 -35.33 -25.55 -13.04
CA CYS B 187 -34.62 -25.46 -14.29
C CYS B 187 -34.83 -26.73 -15.17
N TYR B 188 -35.42 -26.56 -16.38
CA TYR B 188 -35.72 -27.75 -17.20
C TYR B 188 -34.60 -28.69 -17.54
N TYR B 189 -33.40 -28.13 -17.75
CA TYR B 189 -32.29 -28.92 -18.18
C TYR B 189 -31.51 -29.58 -17.02
N LEU B 190 -31.92 -29.32 -15.79
CA LEU B 190 -31.40 -29.97 -14.59
C LEU B 190 -32.45 -30.86 -13.84
N PRO B 191 -32.74 -32.07 -14.37
CA PRO B 191 -33.75 -32.93 -13.74
C PRO B 191 -33.14 -33.43 -12.44
N LYS B 192 -33.97 -33.55 -11.39
CA LYS B 192 -33.55 -33.99 -10.07
C LYS B 192 -33.46 -35.49 -10.00
N TRP B 193 -32.35 -35.95 -9.48
CA TRP B 193 -32.11 -37.35 -9.25
C TRP B 193 -33.00 -37.81 -8.11
N ASN B 194 -33.60 -39.00 -8.25
CA ASN B 194 -34.32 -39.56 -7.18
C ASN B 194 -33.38 -40.24 -6.20
N ALA B 195 -32.89 -39.49 -5.22
CA ALA B 195 -32.00 -40.07 -4.19
C ALA B 195 -32.66 -41.07 -3.23
N TYR B 196 -33.99 -41.21 -3.30
CA TYR B 196 -34.74 -42.23 -2.56
C TYR B 196 -34.69 -43.61 -3.19
N ASN B 197 -34.11 -43.69 -4.38
CA ASN B 197 -33.93 -44.97 -5.12
C ASN B 197 -32.55 -45.55 -4.78
N PRO B 198 -32.50 -46.72 -4.14
CA PRO B 198 -31.19 -47.35 -3.93
C PRO B 198 -30.28 -47.50 -5.18
N GLU B 199 -30.85 -47.56 -6.39
CA GLU B 199 -30.08 -47.71 -7.63
C GLU B 199 -29.39 -46.40 -7.93
N VAL B 200 -30.08 -45.31 -7.59
CA VAL B 200 -29.47 -43.97 -7.77
C VAL B 200 -28.39 -43.76 -6.75
N ARG B 201 -28.68 -44.07 -5.49
CA ARG B 201 -27.65 -43.99 -4.46
C ARG B 201 -26.44 -44.84 -4.80
N HIS B 202 -26.65 -46.04 -5.36
CA HIS B 202 -25.55 -46.87 -5.78
C HIS B 202 -24.71 -46.19 -6.88
N HIS B 203 -25.34 -45.62 -7.88
CA HIS B 203 -24.65 -44.89 -8.93
C HIS B 203 -23.84 -43.77 -8.31
N HIS B 204 -24.50 -42.97 -7.51
CA HIS B 204 -23.89 -41.84 -6.85
C HIS B 204 -22.65 -42.25 -6.04
N LEU B 205 -22.73 -43.31 -5.26
CA LEU B 205 -21.59 -43.77 -4.48
C LEU B 205 -20.46 -44.33 -5.37
N ASP B 206 -20.81 -45.04 -6.41
CA ASP B 206 -19.79 -45.46 -7.42
C ASP B 206 -19.04 -44.26 -8.07
N VAL B 207 -19.74 -43.12 -8.29
CA VAL B 207 -19.09 -41.92 -8.83
C VAL B 207 -18.06 -41.46 -7.81
N ALA B 208 -18.51 -41.41 -6.57
CA ALA B 208 -17.63 -40.99 -5.44
C ALA B 208 -16.40 -41.85 -5.44
N ARG B 209 -16.64 -43.15 -5.43
CA ARG B 209 -15.54 -44.09 -5.33
C ARG B 209 -14.62 -44.12 -6.56
N TYR B 210 -15.19 -43.93 -7.75
CA TYR B 210 -14.50 -44.07 -9.01
C TYR B 210 -13.42 -42.96 -9.10
N TRP B 211 -13.81 -41.71 -8.88
CA TRP B 211 -12.86 -40.62 -8.97
C TRP B 211 -11.81 -40.63 -7.87
N ILE B 212 -12.19 -41.08 -6.65
CA ILE B 212 -11.18 -41.36 -5.57
C ILE B 212 -10.17 -42.41 -6.08
N ASP B 213 -10.65 -43.47 -6.70
CA ASP B 213 -9.68 -44.42 -7.35
C ASP B 213 -8.82 -43.78 -8.42
N GLN B 214 -9.30 -42.72 -9.06
CA GLN B 214 -8.51 -42.04 -10.06
C GLN B 214 -7.54 -41.01 -9.46
N GLY B 215 -7.47 -40.87 -8.13
CA GLY B 215 -6.41 -40.09 -7.49
C GLY B 215 -6.91 -38.79 -6.81
N ILE B 216 -8.22 -38.53 -6.72
CA ILE B 216 -8.63 -37.23 -6.08
C ILE B 216 -8.49 -37.23 -4.58
N ASP B 217 -8.44 -36.05 -3.98
CA ASP B 217 -8.25 -35.90 -2.53
C ASP B 217 -9.53 -35.45 -1.79
N GLY B 218 -10.59 -35.14 -2.52
CA GLY B 218 -11.87 -34.88 -1.84
C GLY B 218 -12.93 -34.38 -2.77
N TRP B 219 -14.08 -34.09 -2.18
CA TRP B 219 -15.26 -33.69 -2.87
C TRP B 219 -15.95 -32.50 -2.16
N ARG B 220 -16.36 -31.57 -3.01
CA ARG B 220 -17.17 -30.43 -2.64
C ARG B 220 -18.59 -30.79 -3.07
N LEU B 221 -19.53 -30.57 -2.17
CA LEU B 221 -20.95 -31.07 -2.34
C LEU B 221 -21.78 -29.92 -2.90
N ASP B 222 -22.20 -30.09 -4.15
CA ASP B 222 -23.06 -29.12 -4.78
C ASP B 222 -24.54 -29.14 -4.19
N VAL B 223 -25.09 -27.98 -3.79
CA VAL B 223 -26.49 -27.84 -3.27
C VAL B 223 -26.90 -29.01 -2.36
N PRO B 224 -26.06 -29.32 -1.35
CA PRO B 224 -26.35 -30.57 -0.60
C PRO B 224 -27.60 -30.48 0.18
N TYR B 225 -28.00 -29.25 0.51
CA TYR B 225 -29.26 -29.00 1.18
C TYR B 225 -30.49 -29.41 0.34
N PHE B 226 -30.39 -29.60 -0.97
CA PHE B 226 -31.48 -30.19 -1.77
C PHE B 226 -31.58 -31.72 -1.74
N ILE B 227 -30.62 -32.41 -1.15
CA ILE B 227 -30.81 -33.86 -0.95
C ILE B 227 -31.26 -34.09 0.49
N ASN B 228 -30.64 -34.96 1.27
CA ASN B 228 -31.09 -35.13 2.61
C ASN B 228 -29.88 -35.65 3.35
N HIS B 229 -29.88 -35.52 4.66
CA HIS B 229 -28.79 -36.03 5.49
C HIS B 229 -28.53 -37.52 5.56
N THR B 230 -29.56 -38.34 5.47
CA THR B 230 -29.32 -39.76 5.39
C THR B 230 -28.37 -40.07 4.23
N PHE B 231 -28.64 -39.50 3.04
CA PHE B 231 -27.82 -39.78 1.92
C PHE B 231 -26.35 -39.28 2.18
N TRP B 232 -26.19 -38.09 2.75
CA TRP B 232 -24.91 -37.56 3.03
C TRP B 232 -24.14 -38.34 4.11
N ARG B 233 -24.84 -38.95 5.06
CA ARG B 233 -24.18 -39.90 5.98
C ARG B 233 -23.64 -41.13 5.24
N GLU B 234 -24.45 -41.66 4.33
CA GLU B 234 -24.02 -42.85 3.54
C GLU B 234 -22.73 -42.50 2.66
N PHE B 235 -22.76 -41.30 2.07
CA PHE B 235 -21.66 -40.73 1.28
C PHE B 235 -20.41 -40.61 2.12
N ARG B 236 -20.52 -40.02 3.31
CA ARG B 236 -19.38 -39.98 4.21
C ARG B 236 -18.75 -41.33 4.46
N THR B 237 -19.54 -42.33 4.75
CA THR B 237 -19.04 -43.64 5.11
C THR B 237 -18.31 -44.25 3.93
N ALA B 238 -18.83 -44.04 2.73
CA ALA B 238 -18.26 -44.58 1.46
C ALA B 238 -16.89 -43.90 1.14
N VAL B 239 -16.86 -42.57 1.33
CA VAL B 239 -15.65 -41.76 1.14
C VAL B 239 -14.63 -42.06 2.23
N LYS B 240 -14.98 -41.80 3.47
CA LYS B 240 -14.05 -42.07 4.57
C LYS B 240 -13.58 -43.52 4.68
N GLY B 241 -14.42 -44.46 4.28
CA GLY B 241 -13.99 -45.90 4.14
C GLY B 241 -12.82 -46.13 3.16
N LYS B 242 -12.74 -45.32 2.08
CA LYS B 242 -11.57 -45.35 1.18
C LYS B 242 -10.33 -44.72 1.86
N SER B 243 -10.47 -43.55 2.51
CA SER B 243 -9.46 -43.00 3.34
C SER B 243 -10.04 -41.92 4.15
N GLU B 244 -9.69 -41.94 5.43
CA GLU B 244 -10.10 -40.90 6.34
C GLU B 244 -9.57 -39.50 6.07
N ASP B 245 -8.52 -39.40 5.28
CA ASP B 245 -7.96 -38.09 4.89
C ASP B 245 -8.65 -37.48 3.67
N LEU B 246 -9.65 -38.15 3.10
CA LEU B 246 -10.44 -37.57 1.98
C LEU B 246 -11.32 -36.46 2.56
N TYR B 247 -11.27 -35.29 1.94
CA TYR B 247 -12.01 -34.12 2.43
C TYR B 247 -13.37 -34.05 1.80
N ILE B 248 -14.36 -33.76 2.64
CA ILE B 248 -15.71 -33.46 2.19
C ILE B 248 -16.11 -32.06 2.67
N VAL B 249 -16.49 -31.21 1.69
CA VAL B 249 -16.86 -29.85 2.03
C VAL B 249 -18.17 -29.51 1.39
N ALA B 250 -19.08 -29.01 2.22
CA ALA B 250 -20.42 -28.69 1.81
C ALA B 250 -20.57 -27.28 1.32
N GLU B 251 -21.21 -27.08 0.16
CA GLU B 251 -21.74 -25.77 -0.17
C GLU B 251 -22.85 -25.43 0.80
N GLU B 252 -22.70 -24.27 1.48
CA GLU B 252 -23.73 -23.81 2.40
C GLU B 252 -23.56 -22.31 2.54
N TRP B 253 -24.59 -21.56 2.19
CA TRP B 253 -24.60 -20.10 2.21
C TRP B 253 -25.01 -19.48 3.55
N ARG B 254 -25.57 -20.27 4.42
CA ARG B 254 -26.03 -19.83 5.71
C ARG B 254 -25.27 -20.49 6.87
N SER B 255 -25.93 -20.81 7.97
CA SER B 255 -25.19 -21.42 9.06
C SER B 255 -24.61 -22.73 8.66
N PRO B 256 -23.35 -22.92 8.92
CA PRO B 256 -22.75 -24.23 8.61
C PRO B 256 -23.08 -25.36 9.57
N VAL B 257 -23.77 -25.08 10.68
CA VAL B 257 -23.66 -25.96 11.86
C VAL B 257 -24.17 -27.41 11.60
N GLU B 258 -25.20 -27.51 10.80
CA GLU B 258 -25.85 -28.78 10.48
C GLU B 258 -24.92 -29.73 9.73
N TRP B 259 -23.89 -29.19 9.08
CA TRP B 259 -22.98 -30.00 8.31
C TRP B 259 -21.81 -30.50 9.11
N LEU B 260 -21.70 -30.04 10.32
CA LEU B 260 -20.56 -30.28 11.12
C LEU B 260 -20.79 -31.13 12.31
N GLN B 261 -21.68 -32.07 12.20
CA GLN B 261 -21.97 -32.88 13.34
C GLN B 261 -21.16 -34.15 13.43
N GLY B 262 -20.21 -34.32 12.54
CA GLY B 262 -19.36 -35.50 12.57
C GLY B 262 -19.80 -36.64 11.69
N ASP B 263 -20.96 -36.49 11.11
CA ASP B 263 -21.60 -37.55 10.28
C ASP B 263 -21.78 -37.16 8.78
N THR B 264 -21.49 -35.91 8.41
CA THR B 264 -21.65 -35.50 6.96
C THR B 264 -20.37 -34.92 6.40
N ALA B 265 -20.12 -33.61 6.60
CA ALA B 265 -18.98 -32.94 5.94
C ALA B 265 -17.82 -32.70 6.93
N ASP B 266 -16.66 -32.23 6.46
CA ASP B 266 -15.56 -31.83 7.30
C ASP B 266 -15.57 -30.30 7.45
N GLY B 267 -16.45 -29.60 6.73
CA GLY B 267 -16.58 -28.17 6.85
C GLY B 267 -17.44 -27.75 5.74
N THR B 268 -17.70 -26.45 5.68
CA THR B 268 -18.44 -25.82 4.57
C THR B 268 -17.64 -24.71 3.91
N MET B 269 -18.05 -24.32 2.70
CA MET B 269 -17.75 -23.05 2.11
C MET B 269 -18.21 -21.95 3.09
N ASN B 270 -17.34 -21.09 3.53
CA ASN B 270 -17.73 -20.19 4.64
C ASN B 270 -18.23 -18.88 4.14
N TYR B 271 -19.41 -18.94 3.54
CA TYR B 271 -20.00 -17.70 3.02
C TYR B 271 -20.38 -16.76 4.13
N THR B 272 -20.55 -17.29 5.36
CA THR B 272 -20.79 -16.41 6.52
C THR B 272 -19.66 -15.42 6.75
N ALA B 273 -18.46 -15.94 6.72
CA ALA B 273 -17.21 -15.10 6.90
C ALA B 273 -16.98 -14.15 5.69
N ARG B 274 -17.31 -14.63 4.50
CA ARG B 274 -17.32 -13.73 3.29
C ARG B 274 -18.12 -12.47 3.55
N ASP B 275 -19.38 -12.62 4.00
CA ASP B 275 -20.33 -11.50 4.09
C ASP B 275 -19.88 -10.58 5.21
N LEU B 276 -19.36 -11.14 6.30
CA LEU B 276 -18.81 -10.39 7.38
C LEU B 276 -17.61 -9.58 6.94
N ILE B 277 -16.65 -10.26 6.33
CA ILE B 277 -15.46 -9.56 5.88
C ILE B 277 -15.88 -8.43 4.90
N LEU B 278 -16.63 -8.74 3.85
CA LEU B 278 -16.96 -7.69 2.82
C LEU B 278 -17.80 -6.52 3.34
N GLY B 279 -18.65 -6.82 4.33
CA GLY B 279 -19.43 -5.81 5.07
C GLY B 279 -18.56 -4.70 5.62
N PHE B 280 -17.33 -5.09 6.05
CA PHE B 280 -16.35 -4.23 6.68
C PHE B 280 -15.40 -3.52 5.71
N THR B 281 -14.81 -4.28 4.79
CA THR B 281 -13.78 -3.81 3.88
C THR B 281 -14.37 -3.13 2.60
N ALA B 282 -15.55 -3.53 2.13
CA ALA B 282 -16.10 -3.01 0.86
C ALA B 282 -17.34 -2.18 1.10
N ASP B 283 -18.29 -2.68 1.91
CA ASP B 283 -19.62 -2.08 1.99
C ASP B 283 -19.65 -0.94 2.97
N GLY B 284 -18.93 -1.09 4.08
CA GLY B 284 -18.92 -0.08 5.14
C GLY B 284 -20.13 -0.18 6.03
N GLY B 285 -20.89 -1.27 5.87
CA GLY B 285 -22.11 -1.52 6.57
C GLY B 285 -21.89 -2.00 7.97
N ILE B 286 -20.77 -2.63 8.23
CA ILE B 286 -20.50 -3.17 9.55
C ILE B 286 -19.17 -2.57 9.99
N ASP B 287 -19.08 -2.15 11.25
CA ASP B 287 -17.80 -1.77 11.83
C ASP B 287 -17.00 -2.95 12.43
N ALA B 288 -15.82 -2.66 12.94
CA ALA B 288 -14.91 -3.67 13.46
C ALA B 288 -15.43 -4.44 14.69
N SER B 289 -16.22 -3.75 15.50
CA SER B 289 -16.92 -4.40 16.64
C SER B 289 -17.90 -5.46 16.20
N ALA B 290 -18.70 -5.11 15.18
CA ALA B 290 -19.68 -6.00 14.62
C ALA B 290 -18.99 -7.11 13.82
N LEU B 291 -17.96 -6.78 13.02
CA LEU B 291 -17.13 -7.83 12.41
C LEU B 291 -16.53 -8.81 13.48
N ALA B 292 -15.87 -8.26 14.50
CA ALA B 292 -15.24 -9.11 15.60
C ALA B 292 -16.25 -10.02 16.31
N ALA B 293 -17.40 -9.43 16.64
CA ALA B 293 -18.49 -10.16 17.25
C ALA B 293 -18.97 -11.27 16.35
N GLY B 294 -19.09 -10.97 15.05
CA GLY B 294 -19.65 -11.96 14.12
C GLY B 294 -18.72 -13.11 13.91
N LEU B 295 -17.42 -12.81 13.77
CA LEU B 295 -16.41 -13.86 13.58
C LEU B 295 -16.20 -14.72 14.83
N ASN B 296 -16.21 -14.11 16.01
CA ASN B 296 -16.13 -14.88 17.30
C ASN B 296 -17.38 -15.80 17.50
N ALA B 297 -18.55 -15.29 17.12
CA ALA B 297 -19.79 -16.06 17.28
C ALA B 297 -19.82 -17.21 16.27
N LEU B 298 -19.28 -16.96 15.11
CA LEU B 298 -19.22 -17.97 14.07
C LEU B 298 -18.26 -19.01 14.51
N HIS B 299 -17.15 -18.59 15.06
CA HIS B 299 -16.17 -19.50 15.55
C HIS B 299 -16.69 -20.40 16.67
N ALA B 300 -17.44 -19.84 17.60
CA ALA B 300 -17.97 -20.61 18.71
C ALA B 300 -19.05 -21.64 18.31
N GLU B 301 -19.78 -21.34 17.25
CA GLU B 301 -20.79 -22.25 16.70
C GLU B 301 -20.19 -23.46 15.93
N ILE B 302 -18.95 -23.33 15.48
CA ILE B 302 -18.29 -24.36 14.70
C ILE B 302 -17.75 -25.36 15.73
N PRO B 303 -18.20 -26.63 15.68
CA PRO B 303 -17.62 -27.60 16.66
C PRO B 303 -16.09 -27.80 16.63
N ALA B 304 -15.53 -28.17 17.80
CA ALA B 304 -14.14 -28.50 17.93
C ALA B 304 -13.81 -29.61 16.92
N GLY B 305 -12.69 -29.46 16.24
CA GLY B 305 -12.26 -30.41 15.16
C GLY B 305 -12.71 -30.00 13.74
N PHE B 306 -13.54 -28.96 13.58
CA PHE B 306 -14.03 -28.57 12.21
C PHE B 306 -13.64 -27.18 11.82
N HIS B 307 -13.00 -26.45 12.72
CA HIS B 307 -12.57 -25.10 12.36
C HIS B 307 -11.60 -25.17 11.21
N ARG B 308 -10.65 -26.11 11.26
CA ARG B 308 -9.66 -26.24 10.17
C ARG B 308 -10.28 -26.66 8.85
N GLY B 309 -11.45 -27.27 8.89
CA GLY B 309 -12.07 -27.78 7.70
C GLY B 309 -12.96 -26.77 6.99
N MET B 310 -13.14 -25.61 7.59
CA MET B 310 -13.86 -24.58 6.93
C MET B 310 -13.12 -24.12 5.69
N LEU B 311 -13.86 -23.95 4.58
CA LEU B 311 -13.23 -23.48 3.34
C LEU B 311 -13.52 -21.98 3.20
N ASN B 312 -12.56 -21.14 3.60
CA ASN B 312 -12.79 -19.68 3.66
C ASN B 312 -12.59 -19.10 2.27
N LEU B 313 -13.41 -18.14 1.95
CA LEU B 313 -13.42 -17.53 0.59
C LEU B 313 -13.98 -16.13 0.64
N LEU B 314 -13.65 -15.37 -0.39
CA LEU B 314 -14.17 -14.01 -0.56
C LEU B 314 -15.02 -13.95 -1.79
N GLY B 315 -15.04 -15.00 -2.58
CA GLY B 315 -15.84 -14.94 -3.81
C GLY B 315 -15.72 -16.34 -4.43
N SER B 316 -16.46 -16.53 -5.51
CA SER B 316 -16.61 -17.80 -6.21
C SER B 316 -17.24 -17.55 -7.59
N HIS B 317 -17.48 -18.64 -8.31
CA HIS B 317 -18.24 -18.63 -9.54
C HIS B 317 -19.76 -18.32 -9.44
N ASP B 318 -20.22 -18.13 -8.22
CA ASP B 318 -21.58 -17.77 -7.96
C ASP B 318 -21.64 -16.40 -7.28
N THR B 319 -20.59 -15.61 -7.33
CA THR B 319 -20.63 -14.21 -6.73
C THR B 319 -19.96 -13.27 -7.69
N GLU B 320 -20.28 -11.97 -7.63
CA GLU B 320 -19.36 -10.98 -8.26
C GLU B 320 -17.91 -11.13 -7.76
N ARG B 321 -16.96 -10.62 -8.56
CA ARG B 321 -15.57 -10.72 -8.18
C ARG B 321 -15.21 -9.71 -7.10
N VAL B 322 -14.25 -10.12 -6.23
CA VAL B 322 -13.86 -9.36 -5.08
C VAL B 322 -13.55 -7.93 -5.44
N LEU B 323 -12.71 -7.74 -6.48
CA LEU B 323 -12.31 -6.37 -6.79
C LEU B 323 -13.55 -5.48 -7.29
N THR B 324 -14.57 -6.12 -7.87
CA THR B 324 -15.78 -5.44 -8.30
C THR B 324 -16.62 -5.13 -7.05
N ARG B 325 -16.60 -6.02 -6.09
CA ARG B 325 -17.29 -5.72 -4.85
C ARG B 325 -16.61 -4.50 -4.14
N HIS B 326 -15.34 -4.33 -4.36
CA HIS B 326 -14.62 -3.22 -3.77
C HIS B 326 -14.56 -1.95 -4.70
N ALA B 327 -15.39 -1.94 -5.71
CA ALA B 327 -15.46 -0.88 -6.68
C ALA B 327 -14.10 -0.46 -7.22
N GLY B 328 -13.24 -1.44 -7.50
CA GLY B 328 -11.87 -1.20 -8.00
C GLY B 328 -10.78 -0.70 -7.04
N ASP B 329 -11.10 -0.63 -5.76
CA ASP B 329 -10.15 -0.15 -4.76
C ASP B 329 -9.31 -1.34 -4.35
N VAL B 330 -8.12 -1.42 -4.96
CA VAL B 330 -7.22 -2.54 -4.79
C VAL B 330 -6.75 -2.58 -3.31
N GLU B 331 -6.48 -1.43 -2.72
CA GLU B 331 -6.00 -1.42 -1.33
C GLU B 331 -7.10 -1.91 -0.36
N ALA B 332 -8.33 -1.50 -0.57
CA ALA B 332 -9.45 -2.01 0.19
C ALA B 332 -9.53 -3.53 -0.06
N ALA B 333 -9.48 -3.94 -1.33
CA ALA B 333 -9.47 -5.39 -1.61
C ALA B 333 -8.42 -6.16 -0.77
N LEU B 334 -7.20 -5.60 -0.69
CA LEU B 334 -6.16 -6.18 0.13
C LEU B 334 -6.50 -6.35 1.61
N LEU B 335 -7.31 -5.45 2.18
CA LEU B 335 -7.79 -5.64 3.55
C LEU B 335 -8.61 -6.96 3.66
N SER B 336 -9.45 -7.26 2.65
CA SER B 336 -10.30 -8.50 2.64
C SER B 336 -9.36 -9.74 2.61
N TYR B 337 -8.29 -9.65 1.78
CA TYR B 337 -7.30 -10.75 1.66
C TYR B 337 -6.51 -10.99 2.96
N ALA B 338 -6.04 -9.91 3.61
CA ALA B 338 -5.40 -10.01 4.98
C ALA B 338 -6.35 -10.73 5.93
N LEU B 339 -7.64 -10.33 5.94
CA LEU B 339 -8.59 -10.96 6.82
C LEU B 339 -8.73 -12.44 6.43
N LEU B 340 -8.97 -12.69 5.16
CA LEU B 340 -9.15 -14.09 4.63
C LEU B 340 -8.05 -15.03 5.13
N PHE B 341 -6.80 -14.66 4.86
CA PHE B 341 -5.61 -15.41 5.23
C PHE B 341 -5.32 -15.50 6.75
N SER B 342 -5.96 -14.64 7.56
CA SER B 342 -5.78 -14.62 9.02
C SER B 342 -6.68 -15.66 9.74
N LEU B 343 -7.75 -16.02 9.11
CA LEU B 343 -8.80 -16.85 9.77
C LEU B 343 -8.47 -18.31 9.91
N GLU B 344 -9.02 -18.92 10.97
CA GLU B 344 -8.85 -20.33 11.09
C GLU B 344 -9.66 -20.97 9.99
N GLY B 345 -9.16 -22.03 9.37
CA GLY B 345 -9.83 -22.61 8.24
C GLY B 345 -8.99 -22.34 7.00
N ALA B 346 -9.26 -23.08 5.94
CA ALA B 346 -8.42 -23.11 4.81
C ALA B 346 -8.85 -21.96 3.82
N PRO B 347 -7.95 -20.97 3.56
CA PRO B 347 -8.31 -19.85 2.62
C PRO B 347 -8.31 -20.30 1.21
N MET B 348 -9.18 -19.73 0.38
CA MET B 348 -9.32 -20.13 -1.01
C MET B 348 -9.41 -18.86 -1.82
N VAL B 349 -8.61 -18.81 -2.88
CA VAL B 349 -8.64 -17.74 -3.85
C VAL B 349 -9.32 -18.24 -5.09
N TYR B 350 -10.13 -17.37 -5.66
CA TYR B 350 -10.87 -17.62 -6.90
C TYR B 350 -10.08 -17.18 -8.10
N TYR B 351 -9.92 -18.10 -9.05
CA TYR B 351 -8.90 -17.91 -10.11
C TYR B 351 -9.09 -16.52 -10.72
N GLY B 352 -7.95 -15.81 -10.88
CA GLY B 352 -7.86 -14.49 -11.51
C GLY B 352 -8.07 -13.36 -10.53
N ASP B 353 -8.65 -13.62 -9.34
CA ASP B 353 -8.81 -12.56 -8.31
C ASP B 353 -7.41 -12.05 -7.91
N GLU B 354 -6.41 -12.94 -7.93
CA GLU B 354 -5.04 -12.60 -7.48
C GLU B 354 -4.35 -11.65 -8.41
N VAL B 355 -4.80 -11.56 -9.67
CA VAL B 355 -4.21 -10.57 -10.58
C VAL B 355 -5.16 -9.39 -10.85
N GLY B 356 -6.27 -9.34 -10.12
CA GLY B 356 -7.21 -8.26 -10.24
C GLY B 356 -8.19 -8.32 -11.40
N LEU B 357 -8.61 -9.50 -11.84
CA LEU B 357 -9.82 -9.56 -12.66
C LEU B 357 -11.06 -8.94 -11.99
N THR B 358 -11.96 -8.42 -12.82
CA THR B 358 -13.20 -7.84 -12.39
C THR B 358 -14.32 -8.58 -13.09
N GLY B 359 -15.54 -8.43 -12.55
CA GLY B 359 -16.75 -8.99 -13.09
C GLY B 359 -17.90 -8.89 -12.10
N ASP B 360 -19.08 -8.62 -12.62
CA ASP B 360 -20.32 -8.82 -11.90
C ASP B 360 -20.58 -10.31 -11.67
N ASN B 361 -21.70 -10.61 -11.01
CA ASN B 361 -22.09 -11.99 -10.74
C ASN B 361 -22.31 -12.79 -12.03
N ASP B 362 -22.17 -14.11 -11.89
CA ASP B 362 -22.36 -15.08 -12.93
C ASP B 362 -23.32 -14.58 -14.05
N PRO B 363 -22.88 -14.51 -15.29
CA PRO B 363 -21.61 -15.02 -15.91
C PRO B 363 -20.41 -14.08 -15.82
N GLY B 364 -20.59 -12.86 -15.27
CA GLY B 364 -19.56 -11.86 -15.28
C GLY B 364 -18.25 -12.26 -14.60
N CYS B 365 -18.38 -13.15 -13.62
CA CYS B 365 -17.22 -13.57 -12.84
C CYS B 365 -16.51 -14.78 -13.47
N ARG B 366 -16.98 -15.25 -14.59
CA ARG B 366 -16.39 -16.41 -15.23
C ARG B 366 -15.58 -16.00 -16.46
N GLY B 367 -14.94 -14.84 -16.37
CA GLY B 367 -14.08 -14.42 -17.47
C GLY B 367 -12.85 -15.34 -17.56
N ALA B 368 -12.30 -15.37 -18.76
CA ALA B 368 -11.08 -16.12 -19.02
C ALA B 368 -9.83 -15.41 -18.43
N MET B 369 -8.96 -16.24 -17.85
CA MET B 369 -7.74 -15.80 -17.15
C MET B 369 -6.72 -15.37 -18.17
N PRO B 370 -6.34 -14.06 -18.17
CA PRO B 370 -5.34 -13.58 -19.14
C PRO B 370 -3.95 -13.95 -18.63
N TRP B 371 -3.11 -14.49 -19.53
CA TRP B 371 -1.78 -14.91 -19.15
C TRP B 371 -0.71 -13.91 -19.58
N ASN B 372 -1.13 -12.78 -20.16
CA ASN B 372 -0.19 -11.71 -20.51
C ASN B 372 -0.01 -10.80 -19.30
N GLU B 373 1.14 -10.91 -18.64
CA GLU B 373 1.32 -10.33 -17.32
C GLU B 373 1.29 -8.80 -17.27
N GLU B 374 1.47 -8.10 -18.42
CA GLU B 374 1.18 -6.64 -18.49
C GLU B 374 -0.27 -6.27 -18.18
N SER B 375 -1.17 -7.22 -18.24
CA SER B 375 -2.57 -6.94 -17.84
C SER B 375 -2.83 -7.25 -16.36
N TRP B 376 -1.89 -7.80 -15.62
CA TRP B 376 -2.10 -8.18 -14.21
C TRP B 376 -1.82 -7.02 -13.31
N ASN B 377 -2.53 -6.89 -12.22
CA ASN B 377 -2.07 -6.07 -11.15
C ASN B 377 -1.15 -6.90 -10.27
N THR B 378 0.14 -6.72 -10.47
CA THR B 378 1.14 -7.58 -9.83
C THR B 378 1.43 -7.17 -8.37
N ARG B 379 1.09 -5.93 -7.98
CA ARG B 379 1.16 -5.51 -6.60
C ARG B 379 0.05 -6.20 -5.79
N LEU B 380 -1.11 -6.38 -6.42
CA LEU B 380 -2.17 -7.16 -5.80
C LEU B 380 -1.71 -8.63 -5.62
N LEU B 381 -1.25 -9.23 -6.71
CA LEU B 381 -0.72 -10.60 -6.65
C LEU B 381 0.30 -10.77 -5.51
N ASP B 382 1.25 -9.82 -5.41
CA ASP B 382 2.34 -9.89 -4.44
C ASP B 382 1.89 -9.65 -3.02
N GLY B 383 0.95 -8.75 -2.85
CA GLY B 383 0.25 -8.62 -1.60
C GLY B 383 -0.30 -9.96 -1.08
N ILE B 384 -1.01 -10.67 -1.95
CA ILE B 384 -1.68 -11.95 -1.58
C ILE B 384 -0.62 -13.00 -1.30
N ARG B 385 0.45 -13.01 -2.11
CA ARG B 385 1.52 -13.96 -1.88
C ARG B 385 2.15 -13.78 -0.51
N THR B 386 2.22 -12.52 -0.05
CA THR B 386 2.86 -12.17 1.20
C THR B 386 2.03 -12.69 2.31
N PHE B 387 0.74 -12.39 2.24
CA PHE B 387 -0.16 -12.95 3.23
C PHE B 387 -0.01 -14.49 3.24
N ALA B 388 -0.02 -15.12 2.07
CA ALA B 388 0.11 -16.58 2.05
C ALA B 388 1.40 -17.08 2.65
N ALA B 389 2.52 -16.41 2.32
CA ALA B 389 3.79 -16.81 2.88
C ALA B 389 3.87 -16.69 4.42
N PHE B 390 3.35 -15.61 4.95
CA PHE B 390 3.27 -15.43 6.36
C PHE B 390 2.52 -16.59 7.02
N ARG B 391 1.41 -16.93 6.42
CA ARG B 391 0.58 -18.03 6.94
C ARG B 391 1.29 -19.36 6.85
N ALA B 392 1.89 -19.61 5.70
CA ALA B 392 2.71 -20.83 5.51
C ALA B 392 3.88 -20.90 6.50
N HIS B 393 4.51 -19.77 6.85
CA HIS B 393 5.65 -19.78 7.78
C HIS B 393 5.28 -19.90 9.27
N GLN B 394 4.17 -19.37 9.72
CA GLN B 394 3.84 -19.31 11.12
C GLN B 394 2.89 -20.45 11.52
N PRO B 395 3.32 -21.40 12.42
CA PRO B 395 2.42 -22.54 12.79
C PRO B 395 1.09 -22.09 13.38
N ALA B 396 1.12 -21.02 14.18
CA ALA B 396 -0.06 -20.48 14.78
C ALA B 396 -1.12 -19.98 13.72
N MET B 397 -0.66 -19.50 12.58
CA MET B 397 -1.63 -19.05 11.56
C MET B 397 -2.42 -20.22 10.88
N ARG B 398 -1.89 -21.43 11.03
CA ARG B 398 -2.46 -22.64 10.48
C ARG B 398 -3.22 -23.38 11.60
N ARG B 399 -2.55 -23.62 12.72
CA ARG B 399 -3.15 -24.42 13.78
C ARG B 399 -3.57 -23.67 15.04
N GLY B 400 -3.35 -22.37 15.15
CA GLY B 400 -3.83 -21.63 16.29
C GLY B 400 -5.31 -21.38 16.45
N ARG B 401 -5.78 -21.24 17.70
CA ARG B 401 -7.16 -20.79 17.97
C ARG B 401 -7.29 -19.39 17.44
N GLN B 402 -8.48 -18.98 17.06
CA GLN B 402 -8.74 -17.66 16.58
C GLN B 402 -9.55 -16.78 17.57
N THR B 403 -9.08 -15.56 17.79
CA THR B 403 -9.86 -14.51 18.49
C THR B 403 -9.88 -13.21 17.73
N ALA B 404 -11.03 -12.63 17.45
CA ALA B 404 -11.04 -11.40 16.76
C ALA B 404 -11.22 -10.30 17.81
N VAL B 405 -10.44 -9.21 17.64
CA VAL B 405 -10.48 -8.08 18.59
C VAL B 405 -10.66 -6.74 17.94
N ALA B 406 -11.78 -6.08 18.19
CA ALA B 406 -12.00 -4.73 17.65
C ALA B 406 -11.16 -3.81 18.53
N LEU B 407 -10.34 -2.98 17.88
CA LEU B 407 -9.53 -1.95 18.54
C LEU B 407 -10.18 -0.60 18.47
N ASP B 408 -10.81 -0.29 17.34
CA ASP B 408 -11.73 0.84 17.23
C ASP B 408 -12.64 0.55 16.05
N ALA B 409 -13.46 1.49 15.67
CA ALA B 409 -14.46 1.24 14.62
C ALA B 409 -13.87 0.79 13.30
N ASP B 410 -12.68 1.30 12.99
CA ASP B 410 -12.04 1.00 11.73
C ASP B 410 -10.88 0.01 11.78
N THR B 411 -10.66 -0.64 12.93
CA THR B 411 -9.48 -1.40 13.16
C THR B 411 -9.75 -2.70 13.93
N ILE B 412 -9.30 -3.84 13.38
CA ILE B 412 -9.52 -5.13 13.98
C ILE B 412 -8.25 -5.95 13.99
N ALA B 413 -7.99 -6.66 15.09
CA ALA B 413 -6.90 -7.58 15.15
C ALA B 413 -7.44 -9.00 15.09
N ILE B 414 -6.85 -9.83 14.26
CA ILE B 414 -7.19 -11.24 14.23
C ILE B 414 -6.03 -11.95 14.86
N VAL B 415 -6.20 -12.48 16.07
CA VAL B 415 -5.07 -13.07 16.81
C VAL B 415 -5.18 -14.61 16.79
N ARG B 416 -4.08 -15.26 16.49
CA ARG B 416 -4.05 -16.70 16.34
C ARG B 416 -3.03 -17.16 17.40
N SER B 417 -3.48 -18.00 18.31
CA SER B 417 -2.65 -18.37 19.48
C SER B 417 -2.49 -19.90 19.61
N GLY B 418 -1.24 -20.34 19.73
CA GLY B 418 -0.90 -21.75 20.01
C GLY B 418 0.01 -21.71 21.22
N GLY B 419 -0.50 -22.16 22.35
CA GLY B 419 0.30 -22.24 23.61
C GLY B 419 0.64 -20.83 24.09
N ASP B 420 1.92 -20.55 24.17
CA ASP B 420 2.34 -19.19 24.44
C ASP B 420 2.68 -18.40 23.17
N GLU B 421 2.63 -19.08 22.02
CA GLU B 421 2.91 -18.47 20.70
C GLU B 421 1.71 -17.72 20.14
N ARG B 422 1.99 -16.68 19.34
CA ARG B 422 0.96 -15.85 18.79
C ARG B 422 1.37 -15.22 17.48
N ALA B 423 0.40 -15.09 16.60
CA ALA B 423 0.52 -14.34 15.36
C ALA B 423 -0.66 -13.41 15.37
N ALA B 424 -0.46 -12.21 14.80
CA ALA B 424 -1.50 -11.20 14.77
C ALA B 424 -1.52 -10.57 13.39
N VAL B 425 -2.69 -10.51 12.75
CA VAL B 425 -2.86 -9.71 11.50
C VAL B 425 -3.79 -8.54 11.87
N ILE B 426 -3.27 -7.34 11.80
CA ILE B 426 -4.02 -6.15 12.16
C ILE B 426 -4.48 -5.37 10.90
N VAL B 427 -5.78 -5.09 10.82
CA VAL B 427 -6.40 -4.62 9.58
C VAL B 427 -7.10 -3.33 9.84
N HIS B 428 -6.71 -2.27 9.09
CA HIS B 428 -7.21 -0.92 9.31
C HIS B 428 -7.76 -0.35 8.00
N ARG B 429 -9.01 0.09 8.03
CA ARG B 429 -9.75 0.60 6.87
C ARG B 429 -9.81 2.13 6.90
N GLY B 430 -9.24 2.75 7.95
CA GLY B 430 -9.23 4.24 7.96
C GLY B 430 -7.97 4.89 7.30
N GLU B 431 -7.66 6.11 7.75
CA GLU B 431 -6.61 6.89 7.16
C GLU B 431 -5.28 6.80 7.87
N GLY B 432 -5.24 5.99 8.92
CA GLY B 432 -3.98 5.69 9.62
C GLY B 432 -4.24 5.63 11.11
N THR B 433 -3.48 4.81 11.81
CA THR B 433 -3.67 4.69 13.24
C THR B 433 -2.45 4.09 13.90
N THR B 434 -2.52 4.03 15.21
CA THR B 434 -1.50 3.38 16.00
C THR B 434 -2.21 2.35 16.90
N VAL B 435 -1.54 1.25 17.20
CA VAL B 435 -2.13 0.21 18.02
C VAL B 435 -1.16 -0.02 19.17
N ASP B 436 -1.63 0.05 20.39
CA ASP B 436 -0.82 -0.10 21.58
C ASP B 436 -0.98 -1.57 21.90
N THR B 437 0.05 -2.36 21.67
CA THR B 437 -0.08 -3.81 21.81
C THR B 437 -0.17 -4.18 23.30
N ALA B 438 0.56 -3.46 24.15
CA ALA B 438 0.24 -3.42 25.58
C ALA B 438 -1.23 -2.98 25.77
N SER B 439 -1.86 -3.36 26.87
CA SER B 439 -3.28 -3.06 27.14
C SER B 439 -4.28 -3.68 26.12
N ILE B 440 -3.83 -4.66 25.33
CA ILE B 440 -4.72 -5.58 24.60
C ILE B 440 -4.24 -7.04 24.90
N PRO B 441 -4.89 -7.71 25.88
CA PRO B 441 -4.22 -8.84 26.57
C PRO B 441 -3.77 -10.01 25.67
N GLU B 442 -4.59 -10.36 24.70
CA GLU B 442 -4.26 -11.45 23.75
C GLU B 442 -3.01 -11.17 22.89
N LEU B 443 -2.69 -9.89 22.70
CA LEU B 443 -1.46 -9.43 22.01
C LEU B 443 -0.17 -9.36 22.88
N ALA B 444 -0.24 -9.92 24.10
CA ALA B 444 0.71 -9.61 25.20
C ALA B 444 2.09 -10.16 25.01
N PRO B 445 2.18 -11.45 24.61
CA PRO B 445 3.52 -11.98 24.33
C PRO B 445 4.36 -11.24 23.26
N LEU B 446 3.78 -10.33 22.45
CA LEU B 446 4.61 -9.61 21.45
C LEU B 446 5.52 -8.59 22.17
N ASP B 447 6.75 -8.52 21.70
CA ASP B 447 7.71 -7.56 22.20
C ASP B 447 7.41 -6.13 21.74
N ALA B 448 6.92 -5.93 20.50
CA ALA B 448 6.51 -4.62 20.06
C ALA B 448 5.48 -4.09 21.00
N ASP B 449 5.71 -2.90 21.50
CA ASP B 449 4.70 -2.18 22.28
C ASP B 449 3.81 -1.30 21.45
N THR B 450 4.26 -0.78 20.33
CA THR B 450 3.27 -0.08 19.47
C THR B 450 3.60 -0.37 18.06
N VAL B 451 2.56 -0.37 17.22
CA VAL B 451 2.64 -0.75 15.84
C VAL B 451 1.82 0.31 15.09
N VAL B 452 2.37 0.92 14.07
CA VAL B 452 1.60 1.90 13.26
C VAL B 452 0.90 1.25 12.09
N LEU B 453 -0.23 1.81 11.68
CA LEU B 453 -0.91 1.33 10.47
C LEU B 453 -1.19 2.53 9.61
N GLY B 454 -0.85 2.42 8.36
CA GLY B 454 -1.06 3.51 7.41
C GLY B 454 -2.47 3.51 6.95
N PRO B 455 -2.84 4.42 6.04
CA PRO B 455 -4.15 4.41 5.48
C PRO B 455 -4.39 3.08 4.81
N LEU B 456 -5.56 2.48 5.07
CA LEU B 456 -5.91 1.16 4.49
C LEU B 456 -4.77 0.18 4.65
N GLY B 457 -4.14 0.23 5.81
CA GLY B 457 -2.93 -0.49 6.10
C GLY B 457 -3.15 -1.82 6.81
N THR B 458 -2.20 -2.72 6.71
CA THR B 458 -2.21 -3.92 7.51
C THR B 458 -0.86 -4.13 8.17
N ALA B 459 -0.83 -4.86 9.27
CA ALA B 459 0.47 -5.23 9.86
C ALA B 459 0.32 -6.66 10.32
N SER B 460 1.38 -7.44 10.13
CA SER B 460 1.36 -8.84 10.44
C SER B 460 2.56 -9.09 11.32
N LEU B 461 2.37 -9.58 12.54
CA LEU B 461 3.43 -9.84 13.51
C LEU B 461 3.27 -11.19 14.20
N ALA B 462 4.37 -11.82 14.62
CA ALA B 462 4.30 -13.06 15.34
C ALA B 462 5.43 -13.12 16.34
N THR B 463 5.25 -13.93 17.37
CA THR B 463 6.26 -14.14 18.36
C THR B 463 7.36 -14.98 17.78
N ALA B 464 8.51 -14.92 18.40
CA ALA B 464 9.63 -15.66 17.90
C ALA B 464 9.27 -17.10 18.08
N ALA B 465 9.43 -17.82 16.98
CA ALA B 465 9.09 -19.21 16.83
C ALA B 465 10.36 -19.95 16.39
N SER B 466 10.52 -21.23 16.72
CA SER B 466 11.73 -21.96 16.50
C SER B 466 11.23 -23.36 16.54
N PRO B 467 11.43 -24.13 15.51
CA PRO B 467 10.98 -25.52 15.47
C PRO B 467 11.70 -26.31 16.58
N GLY B 468 10.92 -27.07 17.35
CA GLY B 468 11.43 -27.76 18.54
C GLY B 468 12.00 -29.08 18.11
N SER B 469 13.12 -29.48 18.70
CA SER B 469 13.76 -30.76 18.30
C SER B 469 13.17 -31.93 19.03
N SER B 470 12.95 -33.00 18.26
CA SER B 470 12.27 -34.17 18.77
C SER B 470 13.22 -35.20 19.46
N ALA B 471 14.55 -34.97 19.44
CA ALA B 471 15.56 -35.82 20.13
C ALA B 471 16.81 -34.99 20.52
#